data_3K1J
#
_entry.id   3K1J
#
_cell.length_a   121.454
_cell.length_b   121.454
_cell.length_c   195.240
_cell.angle_alpha   90.00
_cell.angle_beta   90.00
_cell.angle_gamma   120.00
#
_symmetry.space_group_name_H-M   'P 63'
#
loop_
_entity.id
_entity.type
_entity.pdbx_description
1 polymer 'ATP-dependent protease Lon'
2 non-polymer "ADENOSINE-5'-DIPHOSPHATE"
3 non-polymer 3,6,9,12,15,18,21-HEPTAOXATRICOSANE-1,23-DIOL
4 non-polymer 2-{2-[2-(2-{2-[2-(2-ETHOXY-ETHOXY)-ETHOXY]-ETHOXY}-ETHOXY)-ETHOXY]-ETHOXY}-ETHANOL
5 water water
#
_entity_poly.entity_id   1
_entity_poly.type   'polypeptide(L)'
_entity_poly.pdbx_seq_one_letter_code
;MGDNEKINREALAPREYGESLELGIEFTTTEEIEVPEKLIDQVIGQEHAVEVIKTAANQKRHVLLIGEPGTGKSMLGQAM
AELLPTETLEDILVFPNPEDENMPRIKTVPACQGRRIVEKYREKAKSQESVKSSNMRLKSTVLVPKLLVDNCGRTKAPFI
DATGAHAGALLGDVRHDPFQSGGLGTPAHERVEPGMIHRAHKGVLFIDEIATLSLKMQQSLLTAMQEKKFPITGQSEMSS
GAMVRTEPVPCDFVLVAAGNLDTVDKMHPALRSRIRGYGYEVYMRTTMPDTIENRRKLVQFVAQEVKRDGKIPHFTKEAV
EEIVREAQKRAGRKGHLTLRLRDLGGIVRAAGDIAVKKGKKYVEREDVIEAVKMAKPLEKQLADWYIERKKEYQVIKTEG
SEIGRVNGLAVIGEQSGIVLPIEAVVAPAASKEEGKIIVTGKLGEIAKEAVQNVSAIIKRYKGEDISRYDIHVQFLQTYE
GVEGDAASISVATAVISALEGIPIRQDVAMTGSLSVRGEVLPIGGATPAIEAAIEAGIKMVIIPKSNEKDVFLSKDKAEK
IQIFPVETIDEVLEIALEESEKKRELLRRIRETLPLSLHHHHHH
;
_entity_poly.pdbx_strand_id   A,B
#
loop_
_chem_comp.id
_chem_comp.type
_chem_comp.name
_chem_comp.formula
ADP non-polymer ADENOSINE-5'-DIPHOSPHATE 'C10 H15 N5 O10 P2'
PE4 non-polymer 2-{2-[2-(2-{2-[2-(2-ETHOXY-ETHOXY)-ETHOXY]-ETHOXY}-ETHOXY)-ETHOXY]-ETHOXY}-ETHANOL 'C16 H34 O8'
PE8 non-polymer 3,6,9,12,15,18,21-HEPTAOXATRICOSANE-1,23-DIOL 'C16 H34 O9'
#
# COMPACT_ATOMS: atom_id res chain seq x y z
N GLY A 18 21.68 -12.12 -40.13
CA GLY A 18 21.21 -12.69 -38.84
C GLY A 18 20.54 -11.63 -37.97
N GLU A 19 19.69 -12.09 -37.06
CA GLU A 19 18.94 -11.21 -36.16
C GLU A 19 19.14 -11.64 -34.70
N SER A 20 19.84 -10.81 -33.93
CA SER A 20 20.12 -11.12 -32.52
C SER A 20 20.15 -9.89 -31.61
N LEU A 21 20.38 -10.15 -30.33
CA LEU A 21 20.44 -9.09 -29.33
C LEU A 21 21.68 -9.25 -28.48
N GLU A 22 22.19 -8.14 -27.96
CA GLU A 22 23.35 -8.17 -27.09
C GLU A 22 22.81 -8.57 -25.72
N LEU A 23 23.27 -9.71 -25.20
CA LEU A 23 22.82 -10.21 -23.90
C LEU A 23 23.85 -10.08 -22.79
N GLY A 24 25.01 -9.50 -23.10
CA GLY A 24 26.03 -9.34 -22.08
C GLY A 24 26.82 -10.60 -21.79
N ILE A 25 26.62 -11.61 -22.62
CA ILE A 25 27.35 -12.88 -22.45
C ILE A 25 27.25 -13.69 -23.74
N GLU A 26 28.31 -14.43 -24.05
CA GLU A 26 28.36 -15.25 -25.25
C GLU A 26 28.17 -16.70 -24.85
N PHE A 27 27.23 -17.38 -25.50
CA PHE A 27 26.97 -18.78 -25.18
C PHE A 27 26.24 -19.47 -26.31
N THR A 28 26.21 -20.79 -26.28
CA THR A 28 25.52 -21.55 -27.31
C THR A 28 24.14 -21.96 -26.78
N THR A 29 24.12 -22.56 -25.59
CA THR A 29 22.86 -22.95 -24.95
C THR A 29 22.99 -22.58 -23.48
N THR A 30 21.85 -22.54 -22.79
CA THR A 30 21.82 -22.18 -21.38
C THR A 30 22.47 -23.22 -20.48
N GLU A 31 22.88 -24.34 -21.07
CA GLU A 31 23.56 -25.36 -20.29
C GLU A 31 24.91 -24.82 -19.81
N GLU A 32 25.41 -23.81 -20.51
CA GLU A 32 26.70 -23.17 -20.18
C GLU A 32 26.56 -22.07 -19.15
N ILE A 33 25.32 -21.68 -18.84
CA ILE A 33 25.06 -20.60 -17.91
C ILE A 33 24.98 -21.06 -16.46
N GLU A 34 25.72 -20.36 -15.60
CA GLU A 34 25.77 -20.67 -14.18
C GLU A 34 24.49 -20.27 -13.46
N VAL A 35 24.02 -21.13 -12.56
CA VAL A 35 22.81 -20.85 -11.80
C VAL A 35 23.17 -20.68 -10.33
N PRO A 36 22.96 -19.47 -9.79
CA PRO A 36 23.30 -19.28 -8.38
C PRO A 36 22.67 -20.36 -7.50
N GLU A 37 23.43 -20.78 -6.50
CA GLU A 37 23.02 -21.82 -5.57
C GLU A 37 21.81 -21.42 -4.70
N LYS A 38 21.80 -20.18 -4.18
CA LYS A 38 20.69 -19.80 -3.33
C LYS A 38 19.63 -18.96 -3.99
N LEU A 39 18.41 -19.16 -3.52
CA LEU A 39 17.24 -18.48 -4.06
C LEU A 39 17.36 -16.97 -4.06
N ILE A 40 17.89 -16.40 -2.99
CA ILE A 40 18.00 -14.94 -2.92
C ILE A 40 18.81 -14.39 -4.10
N ASP A 41 19.78 -15.15 -4.61
CA ASP A 41 20.58 -14.67 -5.75
C ASP A 41 19.90 -14.92 -7.09
N GLN A 42 18.83 -15.70 -7.08
CA GLN A 42 18.10 -16.00 -8.31
C GLN A 42 17.01 -14.95 -8.58
N VAL A 43 16.64 -14.18 -7.55
CA VAL A 43 15.63 -13.15 -7.70
C VAL A 43 16.20 -12.05 -8.59
N ILE A 44 15.47 -11.75 -9.65
CA ILE A 44 15.87 -10.75 -10.64
C ILE A 44 15.07 -9.46 -10.56
N GLY A 45 15.77 -8.34 -10.70
CA GLY A 45 15.15 -7.03 -10.71
C GLY A 45 14.47 -6.39 -9.51
N GLN A 46 14.41 -7.06 -8.37
CA GLN A 46 13.73 -6.47 -7.19
C GLN A 46 14.78 -6.13 -6.14
N GLU A 47 15.81 -5.41 -6.56
CA GLU A 47 16.90 -5.04 -5.66
C GLU A 47 16.47 -4.54 -4.29
N HIS A 48 15.48 -3.66 -4.24
CA HIS A 48 15.03 -3.17 -2.95
C HIS A 48 14.41 -4.30 -2.11
N ALA A 49 13.50 -5.06 -2.70
CA ALA A 49 12.86 -6.17 -1.99
C ALA A 49 13.90 -7.16 -1.50
N VAL A 50 14.93 -7.40 -2.31
CA VAL A 50 16.01 -8.31 -1.95
C VAL A 50 16.79 -7.79 -0.75
N GLU A 51 17.04 -6.49 -0.73
CA GLU A 51 17.78 -5.89 0.38
C GLU A 51 16.94 -5.97 1.67
N VAL A 52 15.62 -5.78 1.54
CA VAL A 52 14.73 -5.87 2.70
C VAL A 52 14.74 -7.30 3.24
N ILE A 53 14.62 -8.29 2.37
CA ILE A 53 14.60 -9.68 2.80
C ILE A 53 15.88 -10.07 3.55
N LYS A 54 17.04 -9.62 3.07
CA LYS A 54 18.31 -9.93 3.72
C LYS A 54 18.38 -9.29 5.09
N THR A 55 17.97 -8.03 5.18
CA THR A 55 17.98 -7.34 6.47
C THR A 55 16.98 -7.98 7.42
N ALA A 56 15.79 -8.31 6.91
CA ALA A 56 14.72 -8.92 7.70
C ALA A 56 15.12 -10.31 8.19
N ALA A 57 15.86 -11.04 7.37
CA ALA A 57 16.32 -12.37 7.77
C ALA A 57 17.37 -12.23 8.88
N ASN A 58 18.30 -11.29 8.72
CA ASN A 58 19.35 -11.10 9.74
C ASN A 58 18.85 -10.50 11.04
N GLN A 59 18.06 -9.43 10.96
CA GLN A 59 17.53 -8.76 12.14
C GLN A 59 16.20 -9.38 12.61
N LYS A 60 15.77 -10.46 11.96
CA LYS A 60 14.52 -11.11 12.30
C LYS A 60 13.33 -10.15 12.36
N ARG A 61 12.91 -9.66 11.20
CA ARG A 61 11.79 -8.74 11.17
C ARG A 61 10.74 -9.21 10.18
N HIS A 62 9.48 -8.92 10.48
CA HIS A 62 8.37 -9.33 9.63
C HIS A 62 8.28 -8.45 8.39
N VAL A 63 7.71 -9.00 7.33
CA VAL A 63 7.61 -8.30 6.06
C VAL A 63 6.25 -8.43 5.38
N LEU A 64 5.83 -7.35 4.73
CA LEU A 64 4.59 -7.35 3.98
C LEU A 64 4.98 -7.02 2.54
N LEU A 65 4.74 -7.95 1.63
CA LEU A 65 5.08 -7.79 0.21
C LEU A 65 3.81 -7.53 -0.59
N ILE A 66 3.72 -6.35 -1.18
CA ILE A 66 2.54 -6.00 -1.96
C ILE A 66 2.88 -5.92 -3.44
N GLY A 67 2.16 -6.68 -4.26
CA GLY A 67 2.42 -6.64 -5.69
C GLY A 67 1.49 -7.52 -6.51
N GLU A 68 1.60 -7.43 -7.84
CA GLU A 68 0.79 -8.23 -8.76
C GLU A 68 1.15 -9.70 -8.59
N PRO A 69 0.23 -10.61 -8.96
CA PRO A 69 0.59 -12.02 -8.80
C PRO A 69 1.72 -12.42 -9.77
N GLY A 70 2.53 -13.40 -9.37
CA GLY A 70 3.61 -13.86 -10.22
C GLY A 70 4.74 -12.85 -10.37
N THR A 71 5.03 -12.16 -9.28
CA THR A 71 6.06 -11.16 -9.28
C THR A 71 7.20 -11.52 -8.32
N GLY A 72 7.12 -12.73 -7.78
CA GLY A 72 8.15 -13.24 -6.89
C GLY A 72 7.97 -13.06 -5.40
N LYS A 73 6.74 -12.82 -4.93
CA LYS A 73 6.54 -12.64 -3.50
C LYS A 73 6.83 -13.93 -2.73
N SER A 74 6.25 -15.05 -3.17
CA SER A 74 6.49 -16.33 -2.50
C SER A 74 7.98 -16.74 -2.63
N MET A 75 8.55 -16.48 -3.80
CA MET A 75 9.96 -16.80 -4.05
C MET A 75 10.81 -16.08 -3.01
N LEU A 76 10.49 -14.81 -2.74
CA LEU A 76 11.23 -14.04 -1.74
C LEU A 76 11.08 -14.64 -0.35
N GLY A 77 9.88 -15.11 -0.02
CA GLY A 77 9.66 -15.72 1.28
C GLY A 77 10.51 -16.96 1.40
N GLN A 78 10.56 -17.76 0.33
CA GLN A 78 11.37 -18.97 0.34
C GLN A 78 12.85 -18.62 0.44
N ALA A 79 13.26 -17.56 -0.24
CA ALA A 79 14.66 -17.12 -0.22
C ALA A 79 15.06 -16.71 1.19
N MET A 80 14.13 -16.05 1.90
CA MET A 80 14.40 -15.62 3.26
C MET A 80 14.61 -16.84 4.14
N ALA A 81 13.84 -17.90 3.89
CA ALA A 81 13.95 -19.10 4.69
C ALA A 81 15.37 -19.68 4.61
N GLU A 82 15.94 -19.69 3.40
CA GLU A 82 17.30 -20.19 3.21
C GLU A 82 18.34 -19.34 3.93
N LEU A 83 17.99 -18.09 4.27
CA LEU A 83 18.92 -17.19 4.95
C LEU A 83 18.86 -17.27 6.47
N LEU A 84 17.91 -18.06 7.00
CA LEU A 84 17.77 -18.20 8.44
C LEU A 84 18.68 -19.31 8.99
N PRO A 85 19.06 -19.20 10.28
CA PRO A 85 19.92 -20.18 10.95
C PRO A 85 19.31 -21.58 10.83
N THR A 86 20.16 -22.59 10.64
CA THR A 86 19.70 -23.97 10.46
C THR A 86 20.29 -24.97 11.45
N GLU A 87 21.10 -24.49 12.38
CA GLU A 87 21.74 -25.41 13.32
C GLU A 87 21.03 -25.59 14.66
N THR A 88 19.98 -24.81 14.90
CA THR A 88 19.25 -24.93 16.15
C THR A 88 17.78 -25.25 15.96
N LEU A 89 17.44 -25.84 14.82
CA LEU A 89 16.06 -26.21 14.53
C LEU A 89 15.59 -27.16 15.63
N GLU A 90 14.30 -27.11 15.93
CA GLU A 90 13.76 -27.97 16.98
C GLU A 90 12.58 -28.79 16.54
N ASP A 91 12.27 -29.80 17.35
CA ASP A 91 11.13 -30.68 17.13
C ASP A 91 10.17 -30.27 18.23
N ILE A 92 8.87 -30.36 17.96
CA ILE A 92 7.90 -29.99 18.97
C ILE A 92 7.09 -31.23 19.34
N LEU A 93 7.10 -31.55 20.64
CA LEU A 93 6.38 -32.72 21.15
C LEU A 93 5.26 -32.30 22.12
N VAL A 94 4.18 -33.07 22.12
CA VAL A 94 3.09 -32.80 23.05
C VAL A 94 2.93 -34.06 23.90
N PHE A 95 2.95 -33.87 25.21
CA PHE A 95 2.84 -34.98 26.18
C PHE A 95 1.52 -34.93 26.93
N PRO A 96 1.12 -36.06 27.55
CA PRO A 96 -0.12 -36.06 28.31
C PRO A 96 0.17 -35.32 29.62
N ASN A 97 -0.84 -34.65 30.17
CA ASN A 97 -0.67 -33.92 31.43
C ASN A 97 -1.43 -34.67 32.53
N PRO A 98 -0.71 -35.38 33.42
CA PRO A 98 -1.31 -36.15 34.52
C PRO A 98 -2.20 -35.30 35.43
N GLU A 99 -1.80 -34.06 35.64
CA GLU A 99 -2.52 -33.14 36.51
C GLU A 99 -3.72 -32.42 35.88
N ASP A 100 -3.75 -32.36 34.55
CA ASP A 100 -4.83 -31.66 33.85
C ASP A 100 -4.87 -32.16 32.41
N GLU A 101 -5.62 -33.23 32.17
CA GLU A 101 -5.68 -33.79 30.83
C GLU A 101 -6.01 -32.82 29.71
N ASN A 102 -6.82 -31.80 29.99
CA ASN A 102 -7.18 -30.85 28.95
C ASN A 102 -6.13 -29.77 28.67
N MET A 103 -4.96 -29.88 29.32
CA MET A 103 -3.88 -28.95 29.04
C MET A 103 -2.60 -29.75 28.77
N PRO A 104 -2.56 -30.44 27.62
CA PRO A 104 -1.39 -31.23 27.23
C PRO A 104 -0.12 -30.42 27.36
N ARG A 105 0.96 -31.06 27.80
CA ARG A 105 2.21 -30.34 27.95
C ARG A 105 3.07 -30.35 26.68
N ILE A 106 3.85 -29.29 26.52
CA ILE A 106 4.67 -29.13 25.33
C ILE A 106 6.16 -29.12 25.60
N LYS A 107 6.92 -29.74 24.70
CA LYS A 107 8.38 -29.78 24.87
C LYS A 107 9.09 -29.66 23.52
N THR A 108 10.13 -28.83 23.46
CA THR A 108 10.92 -28.68 22.25
C THR A 108 12.29 -29.33 22.50
N VAL A 109 12.81 -30.01 21.49
CA VAL A 109 14.11 -30.66 21.61
C VAL A 109 14.86 -30.46 20.29
N PRO A 110 16.18 -30.67 20.29
CA PRO A 110 16.92 -30.49 19.03
C PRO A 110 16.35 -31.40 17.94
N ALA A 111 16.34 -30.92 16.71
CA ALA A 111 15.82 -31.69 15.59
C ALA A 111 16.37 -33.12 15.64
N CYS A 112 15.53 -34.08 15.24
CA CYS A 112 15.86 -35.51 15.22
C CYS A 112 15.62 -36.22 16.55
N GLN A 113 15.65 -35.46 17.63
CA GLN A 113 15.41 -36.02 18.95
C GLN A 113 13.94 -36.43 19.15
N GLY A 114 13.03 -35.66 18.56
CA GLY A 114 11.61 -35.95 18.67
C GLY A 114 11.22 -37.35 18.26
N ARG A 115 11.69 -37.77 17.10
CA ARG A 115 11.40 -39.10 16.57
C ARG A 115 11.87 -40.18 17.54
N ARG A 116 13.07 -39.98 18.06
CA ARG A 116 13.68 -40.93 19.00
C ARG A 116 12.85 -41.06 20.27
N ILE A 117 12.47 -39.93 20.85
CA ILE A 117 11.67 -39.91 22.07
C ILE A 117 10.36 -40.64 21.90
N VAL A 118 9.66 -40.37 20.79
CA VAL A 118 8.40 -41.01 20.52
C VAL A 118 8.60 -42.52 20.32
N GLU A 119 9.56 -42.85 19.48
CA GLU A 119 9.89 -44.24 19.16
C GLU A 119 10.14 -45.04 20.44
N LYS A 120 10.89 -44.43 21.34
CA LYS A 120 11.23 -45.01 22.63
C LYS A 120 9.97 -45.32 23.47
N TYR A 121 9.12 -44.32 23.66
CA TYR A 121 7.89 -44.49 24.45
C TYR A 121 6.93 -45.47 23.76
N ARG A 122 6.87 -45.40 22.44
CA ARG A 122 5.99 -46.27 21.69
C ARG A 122 6.39 -47.74 21.89
N GLU A 123 7.69 -48.02 21.89
CA GLU A 123 8.16 -49.38 22.09
C GLU A 123 7.80 -49.86 23.50
N LYS A 124 7.98 -49.00 24.49
CA LYS A 124 7.64 -49.41 25.85
C LYS A 124 6.15 -49.72 25.97
N ALA A 125 5.31 -48.87 25.37
CA ALA A 125 3.87 -49.07 25.41
C ALA A 125 3.51 -50.41 24.79
N LYS A 126 4.08 -50.72 23.63
CA LYS A 126 3.79 -51.99 22.98
C LYS A 126 4.19 -53.14 23.92
N SER A 127 5.41 -53.07 24.44
CA SER A 127 5.90 -54.09 25.35
C SER A 127 4.93 -54.29 26.51
N GLN A 128 4.65 -53.21 27.23
CA GLN A 128 3.76 -53.25 28.38
C GLN A 128 2.38 -53.88 28.20
N GLU A 129 1.85 -53.88 26.97
CA GLU A 129 0.54 -54.49 26.78
C GLU A 129 0.67 -56.01 26.64
N SER A 130 1.75 -56.52 27.24
CA SER A 130 2.09 -57.95 27.26
C SER A 130 1.16 -58.82 26.41
N VAL A 142 0.79 -47.35 29.23
CA VAL A 142 1.72 -46.23 29.06
C VAL A 142 1.28 -45.33 27.92
N LEU A 143 1.40 -44.02 28.12
CA LEU A 143 1.00 -43.07 27.09
C LEU A 143 2.20 -42.62 26.25
N VAL A 144 1.95 -42.40 24.97
CA VAL A 144 3.00 -41.99 24.04
C VAL A 144 2.88 -40.54 23.62
N PRO A 145 3.95 -39.75 23.80
CA PRO A 145 3.85 -38.35 23.37
C PRO A 145 3.70 -38.33 21.85
N LYS A 146 3.17 -37.22 21.34
CA LYS A 146 2.95 -37.08 19.91
C LYS A 146 3.91 -36.03 19.34
N LEU A 147 4.51 -36.34 18.19
CA LEU A 147 5.45 -35.42 17.56
C LEU A 147 4.62 -34.48 16.71
N LEU A 148 4.47 -33.24 17.15
CA LEU A 148 3.67 -32.27 16.42
C LEU A 148 4.44 -31.74 15.21
N VAL A 149 5.68 -31.32 15.44
CA VAL A 149 6.53 -30.81 14.36
C VAL A 149 7.87 -31.55 14.35
N ASP A 150 8.14 -32.24 13.24
CA ASP A 150 9.37 -33.02 13.06
C ASP A 150 10.30 -32.35 12.05
N ASN A 151 11.38 -31.72 12.52
CA ASN A 151 12.32 -31.05 11.62
C ASN A 151 13.61 -31.82 11.38
N CYS A 152 13.61 -33.11 11.70
CA CYS A 152 14.80 -33.93 11.51
C CYS A 152 15.17 -34.07 10.03
N GLY A 153 16.41 -33.77 9.71
CA GLY A 153 16.85 -33.90 8.32
C GLY A 153 16.75 -32.63 7.49
N ARG A 154 16.25 -31.56 8.08
CA ARG A 154 16.13 -30.28 7.38
C ARG A 154 17.50 -29.64 7.29
N THR A 155 17.85 -29.17 6.09
CA THR A 155 19.13 -28.50 5.88
C THR A 155 18.94 -26.99 5.87
N LYS A 156 17.70 -26.55 6.03
CA LYS A 156 17.39 -25.13 6.06
C LYS A 156 16.07 -24.87 6.80
N ALA A 157 15.95 -23.68 7.39
CA ALA A 157 14.75 -23.32 8.14
C ALA A 157 13.50 -23.54 7.29
N PRO A 158 12.43 -24.02 7.92
CA PRO A 158 11.18 -24.29 7.21
C PRO A 158 10.52 -23.09 6.56
N PHE A 159 9.90 -23.36 5.43
CA PHE A 159 9.13 -22.37 4.69
C PHE A 159 7.75 -22.98 4.71
N ILE A 160 6.81 -22.33 5.40
CA ILE A 160 5.44 -22.84 5.48
C ILE A 160 4.48 -21.85 4.81
N ASP A 161 3.85 -22.29 3.72
CA ASP A 161 2.91 -21.45 2.98
C ASP A 161 1.50 -21.64 3.52
N ALA A 162 1.00 -20.65 4.27
CA ALA A 162 -0.34 -20.74 4.84
C ALA A 162 -1.40 -19.95 4.06
N THR A 163 -1.09 -19.65 2.80
CA THR A 163 -2.03 -18.94 1.95
C THR A 163 -3.36 -19.67 1.89
N GLY A 164 -4.45 -18.94 2.15
CA GLY A 164 -5.77 -19.53 2.09
C GLY A 164 -6.10 -20.61 3.12
N ALA A 165 -5.23 -20.82 4.12
CA ALA A 165 -5.50 -21.86 5.12
C ALA A 165 -6.67 -21.50 6.04
N HIS A 166 -7.36 -22.51 6.57
CA HIS A 166 -8.47 -22.23 7.47
C HIS A 166 -7.95 -22.09 8.92
N ALA A 167 -8.80 -21.58 9.81
CA ALA A 167 -8.40 -21.35 11.21
C ALA A 167 -7.61 -22.51 11.83
N GLY A 168 -8.16 -23.71 11.75
CA GLY A 168 -7.53 -24.89 12.32
C GLY A 168 -6.18 -25.22 11.70
N ALA A 169 -6.07 -25.04 10.38
CA ALA A 169 -4.80 -25.32 9.71
C ALA A 169 -3.74 -24.31 10.15
N LEU A 170 -4.11 -23.04 10.22
CA LEU A 170 -3.17 -21.99 10.61
C LEU A 170 -2.72 -21.99 12.07
N LEU A 171 -3.69 -22.07 12.96
CA LEU A 171 -3.43 -21.99 14.39
C LEU A 171 -3.42 -23.29 15.17
N GLY A 172 -3.79 -24.39 14.52
CA GLY A 172 -3.80 -25.66 15.22
C GLY A 172 -5.24 -26.03 15.57
N ASP A 173 -5.46 -27.32 15.87
CA ASP A 173 -6.79 -27.81 16.21
C ASP A 173 -6.67 -29.02 17.12
N VAL A 174 -7.80 -29.46 17.66
CA VAL A 174 -7.87 -30.64 18.51
C VAL A 174 -9.09 -31.42 18.05
N ARG A 175 -8.87 -32.65 17.59
CA ARG A 175 -9.98 -33.48 17.12
C ARG A 175 -10.99 -33.82 18.20
N HIS A 176 -12.23 -34.01 17.77
CA HIS A 176 -13.32 -34.39 18.66
C HIS A 176 -13.09 -35.82 19.11
N ASP A 177 -13.68 -36.18 20.26
CA ASP A 177 -13.56 -37.54 20.76
C ASP A 177 -14.97 -38.13 20.92
N PRO A 178 -15.32 -39.10 20.07
CA PRO A 178 -16.64 -39.75 20.12
C PRO A 178 -16.84 -40.57 21.40
N PHE A 179 -15.75 -41.07 21.97
CA PHE A 179 -15.80 -41.89 23.17
C PHE A 179 -15.07 -41.29 24.36
N LEU A 184 -12.85 -44.00 28.12
CA LEU A 184 -12.88 -45.02 27.07
C LEU A 184 -12.52 -44.41 25.73
N GLY A 185 -12.05 -43.17 25.75
CA GLY A 185 -11.72 -42.48 24.52
C GLY A 185 -10.23 -42.33 24.22
N THR A 186 -9.90 -41.32 23.42
CA THR A 186 -8.53 -41.05 23.04
C THR A 186 -7.93 -39.92 23.86
N PRO A 187 -6.70 -40.11 24.38
CA PRO A 187 -6.02 -39.08 25.18
C PRO A 187 -6.03 -37.75 24.42
N ALA A 188 -6.34 -36.67 25.12
CA ALA A 188 -6.40 -35.35 24.50
C ALA A 188 -5.10 -34.96 23.76
N HIS A 189 -3.94 -35.33 24.31
CA HIS A 189 -2.69 -34.96 23.67
C HIS A 189 -2.51 -35.56 22.27
N GLU A 190 -3.04 -36.76 22.00
CA GLU A 190 -2.84 -37.26 20.65
C GLU A 190 -3.89 -36.80 19.65
N ARG A 191 -4.81 -35.95 20.11
CA ARG A 191 -5.83 -35.39 19.24
C ARG A 191 -5.41 -33.96 18.85
N VAL A 192 -4.27 -33.54 19.37
CA VAL A 192 -3.70 -32.21 19.11
C VAL A 192 -2.99 -32.17 17.76
N GLU A 193 -3.39 -31.22 16.92
CA GLU A 193 -2.75 -31.06 15.62
C GLU A 193 -2.09 -29.68 15.58
N PRO A 194 -0.86 -29.61 15.04
CA PRO A 194 -0.16 -28.33 14.96
C PRO A 194 -0.74 -27.39 13.92
N GLY A 195 -0.49 -26.11 14.11
CA GLY A 195 -0.94 -25.14 13.13
C GLY A 195 0.28 -24.80 12.28
N MET A 196 0.07 -24.15 11.15
CA MET A 196 1.18 -23.76 10.29
C MET A 196 2.12 -22.80 11.05
N ILE A 197 1.58 -22.06 12.01
CA ILE A 197 2.41 -21.14 12.79
C ILE A 197 3.44 -21.93 13.59
N HIS A 198 3.06 -23.15 14.00
CA HIS A 198 3.97 -23.97 14.78
C HIS A 198 5.01 -24.61 13.88
N ARG A 199 4.57 -25.13 12.73
CA ARG A 199 5.48 -25.72 11.78
C ARG A 199 6.49 -24.67 11.32
N ALA A 200 6.11 -23.40 11.38
CA ALA A 200 7.00 -22.32 10.96
C ALA A 200 7.95 -21.86 12.07
N HIS A 201 7.93 -22.54 13.21
CA HIS A 201 8.80 -22.17 14.32
C HIS A 201 10.25 -22.16 13.84
N LYS A 202 10.91 -21.01 14.01
CA LYS A 202 12.30 -20.80 13.59
C LYS A 202 12.46 -20.84 12.07
N GLY A 203 11.37 -20.54 11.38
CA GLY A 203 11.41 -20.53 9.93
C GLY A 203 10.63 -19.35 9.40
N VAL A 204 9.99 -19.52 8.25
CA VAL A 204 9.21 -18.46 7.65
C VAL A 204 7.77 -18.90 7.47
N LEU A 205 6.83 -18.02 7.83
CA LEU A 205 5.40 -18.30 7.64
C LEU A 205 5.01 -17.36 6.51
N PHE A 206 4.63 -17.92 5.37
CA PHE A 206 4.24 -17.12 4.21
C PHE A 206 2.72 -17.12 4.05
N ILE A 207 2.14 -15.95 3.91
CA ILE A 207 0.68 -15.87 3.74
C ILE A 207 0.32 -14.84 2.69
N ASP A 208 0.00 -15.30 1.49
CA ASP A 208 -0.40 -14.40 0.41
C ASP A 208 -1.90 -14.13 0.66
N GLU A 209 -2.42 -13.05 0.08
CA GLU A 209 -3.83 -12.66 0.28
C GLU A 209 -4.19 -12.65 1.75
N ILE A 210 -3.24 -12.13 2.54
CA ILE A 210 -3.37 -12.04 3.99
C ILE A 210 -4.67 -11.36 4.44
N ALA A 211 -5.16 -10.41 3.65
CA ALA A 211 -6.38 -9.68 3.99
C ALA A 211 -7.64 -10.53 3.86
N THR A 212 -7.56 -11.68 3.22
CA THR A 212 -8.73 -12.52 3.07
C THR A 212 -8.93 -13.45 4.26
N LEU A 213 -7.97 -13.48 5.17
CA LEU A 213 -8.11 -14.29 6.37
C LEU A 213 -9.17 -13.58 7.23
N SER A 214 -9.91 -14.33 8.05
CA SER A 214 -10.92 -13.69 8.88
C SER A 214 -10.23 -12.74 9.85
N LEU A 215 -10.99 -11.80 10.41
CA LEU A 215 -10.43 -10.87 11.37
C LEU A 215 -9.89 -11.60 12.58
N LYS A 216 -10.58 -12.66 13.00
CA LYS A 216 -10.15 -13.42 14.15
C LYS A 216 -8.82 -14.12 13.91
N MET A 217 -8.63 -14.65 12.70
CA MET A 217 -7.37 -15.30 12.38
C MET A 217 -6.24 -14.29 12.38
N GLN A 218 -6.51 -13.08 11.89
CA GLN A 218 -5.48 -12.06 11.86
C GLN A 218 -5.13 -11.59 13.26
N GLN A 219 -6.11 -11.55 14.17
CA GLN A 219 -5.85 -11.15 15.55
C GLN A 219 -5.01 -12.21 16.24
N SER A 220 -5.33 -13.47 15.98
CA SER A 220 -4.61 -14.57 16.59
C SER A 220 -3.18 -14.60 16.08
N LEU A 221 -3.01 -14.31 14.79
CA LEU A 221 -1.68 -14.31 14.19
C LEU A 221 -0.88 -13.22 14.91
N LEU A 222 -1.52 -12.07 15.10
CA LEU A 222 -0.86 -10.97 15.78
C LEU A 222 -0.40 -11.40 17.17
N THR A 223 -1.25 -12.12 17.89
CA THR A 223 -0.89 -12.60 19.23
C THR A 223 0.30 -13.55 19.17
N ALA A 224 0.28 -14.45 18.19
CA ALA A 224 1.37 -15.40 18.03
C ALA A 224 2.68 -14.67 17.74
N MET A 225 2.60 -13.56 17.00
CA MET A 225 3.77 -12.77 16.66
C MET A 225 4.35 -12.06 17.87
N GLN A 226 3.47 -11.63 18.76
CA GLN A 226 3.89 -10.93 19.97
C GLN A 226 4.47 -11.86 21.05
N GLU A 227 3.87 -13.04 21.22
CA GLU A 227 4.34 -13.97 22.25
C GLU A 227 5.36 -14.98 21.76
N LYS A 228 5.35 -15.27 20.46
CA LYS A 228 6.25 -16.26 19.86
C LYS A 228 5.85 -17.66 20.34
N LYS A 229 4.69 -17.72 20.99
CA LYS A 229 4.11 -18.96 21.51
C LYS A 229 2.59 -18.82 21.34
N PHE A 230 1.91 -19.93 21.07
CA PHE A 230 0.46 -19.91 20.86
C PHE A 230 -0.13 -21.26 21.21
N PRO A 231 -1.03 -21.30 22.21
CA PRO A 231 -1.65 -22.56 22.61
C PRO A 231 -2.53 -23.15 21.51
N ILE A 232 -2.60 -24.48 21.44
CA ILE A 232 -3.44 -25.14 20.46
C ILE A 232 -4.74 -25.48 21.17
N THR A 233 -5.87 -25.16 20.55
CA THR A 233 -7.17 -25.46 21.14
C THR A 233 -8.14 -25.84 20.04
N GLY A 234 -9.18 -26.60 20.35
CA GLY A 234 -10.13 -26.99 19.33
C GLY A 234 -10.88 -25.81 18.76
N GLN A 235 -11.06 -25.76 17.44
CA GLN A 235 -11.75 -24.65 16.80
C GLN A 235 -13.28 -24.69 16.88
N SER A 236 -13.88 -25.88 16.86
CA SER A 236 -15.34 -25.97 16.91
C SER A 236 -15.90 -26.15 18.31
N GLU A 237 -16.76 -25.21 18.71
CA GLU A 237 -17.40 -25.25 20.04
C GLU A 237 -18.18 -26.54 20.26
N MET A 238 -18.68 -27.13 19.18
CA MET A 238 -19.46 -28.35 19.25
C MET A 238 -18.61 -29.61 19.44
N SER A 239 -17.29 -29.47 19.34
CA SER A 239 -16.37 -30.59 19.50
C SER A 239 -15.82 -30.68 20.91
N SER A 240 -15.49 -31.88 21.37
CA SER A 240 -14.92 -32.04 22.70
C SER A 240 -13.50 -31.48 22.66
N GLY A 241 -12.99 -31.25 21.45
CA GLY A 241 -11.66 -30.69 21.32
C GLY A 241 -11.64 -29.26 21.84
N ALA A 242 -12.82 -28.62 21.86
CA ALA A 242 -12.95 -27.24 22.31
C ALA A 242 -12.51 -27.01 23.75
N MET A 243 -12.63 -28.02 24.60
CA MET A 243 -12.22 -27.85 25.99
C MET A 243 -10.73 -28.15 26.23
N VAL A 244 -10.03 -28.56 25.17
CA VAL A 244 -8.60 -28.84 25.28
C VAL A 244 -7.83 -27.59 24.83
N ARG A 245 -6.87 -27.18 25.65
CA ARG A 245 -6.04 -26.02 25.34
C ARG A 245 -4.67 -26.32 25.92
N THR A 246 -3.72 -26.66 25.04
CA THR A 246 -2.37 -27.00 25.48
C THR A 246 -1.60 -25.81 26.04
N GLU A 247 -0.41 -26.10 26.58
CA GLU A 247 0.47 -25.05 27.06
C GLU A 247 0.83 -24.30 25.78
N PRO A 248 1.28 -23.04 25.90
CA PRO A 248 1.64 -22.28 24.70
C PRO A 248 2.66 -23.06 23.87
N VAL A 249 2.40 -23.20 22.57
CA VAL A 249 3.30 -23.91 21.68
C VAL A 249 4.15 -22.92 20.90
N PRO A 250 5.48 -23.12 20.90
CA PRO A 250 6.42 -22.21 20.19
C PRO A 250 6.04 -21.99 18.74
N CYS A 251 6.16 -20.74 18.29
CA CYS A 251 5.86 -20.37 16.92
C CYS A 251 6.63 -19.11 16.61
N ASP A 252 7.96 -19.20 16.73
CA ASP A 252 8.87 -18.09 16.49
C ASP A 252 9.16 -17.98 14.99
N PHE A 253 8.16 -17.58 14.24
CA PHE A 253 8.31 -17.45 12.80
C PHE A 253 8.56 -16.02 12.41
N VAL A 254 9.05 -15.85 11.20
CA VAL A 254 9.24 -14.53 10.65
C VAL A 254 8.11 -14.58 9.65
N LEU A 255 7.18 -13.63 9.74
CA LEU A 255 6.05 -13.60 8.83
C LEU A 255 6.37 -12.87 7.53
N VAL A 256 5.96 -13.46 6.42
CA VAL A 256 6.10 -12.81 5.14
C VAL A 256 4.68 -12.82 4.59
N ALA A 257 3.97 -11.73 4.82
CA ALA A 257 2.59 -11.57 4.35
C ALA A 257 2.67 -10.97 2.96
N ALA A 258 1.70 -11.28 2.12
CA ALA A 258 1.67 -10.75 0.76
C ALA A 258 0.24 -10.46 0.30
N GLY A 259 0.12 -9.71 -0.79
CA GLY A 259 -1.19 -9.39 -1.34
C GLY A 259 -1.04 -8.37 -2.45
N ASN A 260 -2.15 -7.90 -3.01
CA ASN A 260 -2.08 -6.89 -4.07
C ASN A 260 -2.54 -5.58 -3.43
N LEU A 261 -2.73 -4.54 -4.24
CA LEU A 261 -3.13 -3.25 -3.70
C LEU A 261 -4.40 -3.20 -2.81
N ASP A 262 -5.35 -4.09 -3.02
CA ASP A 262 -6.58 -4.09 -2.21
C ASP A 262 -6.30 -4.54 -0.77
N THR A 263 -5.29 -5.39 -0.63
CA THR A 263 -4.92 -5.94 0.66
C THR A 263 -4.65 -4.88 1.71
N VAL A 264 -3.88 -3.87 1.32
CA VAL A 264 -3.52 -2.80 2.22
C VAL A 264 -4.67 -2.31 3.11
N ASP A 265 -5.74 -1.83 2.49
CA ASP A 265 -6.87 -1.32 3.24
C ASP A 265 -7.83 -2.34 3.82
N LYS A 266 -7.77 -3.59 3.36
CA LYS A 266 -8.68 -4.61 3.88
C LYS A 266 -8.16 -5.41 5.07
N MET A 267 -6.84 -5.47 5.25
CA MET A 267 -6.32 -6.25 6.36
C MET A 267 -6.50 -5.60 7.72
N HIS A 268 -6.48 -6.43 8.75
CA HIS A 268 -6.63 -5.99 10.13
C HIS A 268 -5.61 -4.86 10.38
N PRO A 269 -6.10 -3.65 10.68
CA PRO A 269 -5.19 -2.53 10.92
C PRO A 269 -4.08 -2.80 11.94
N ALA A 270 -4.40 -3.51 13.01
CA ALA A 270 -3.39 -3.81 14.02
C ALA A 270 -2.26 -4.69 13.47
N LEU A 271 -2.60 -5.59 12.55
CA LEU A 271 -1.58 -6.47 11.96
C LEU A 271 -0.70 -5.66 11.03
N ARG A 272 -1.30 -4.85 10.19
CA ARG A 272 -0.49 -4.03 9.29
C ARG A 272 0.42 -3.11 10.12
N SER A 273 -0.15 -2.50 11.15
CA SER A 273 0.60 -1.59 12.02
C SER A 273 1.80 -2.29 12.67
N ARG A 274 1.61 -3.54 13.06
CA ARG A 274 2.68 -4.31 13.69
C ARG A 274 3.85 -4.51 12.71
N ILE A 275 3.52 -4.93 11.48
CA ILE A 275 4.57 -5.17 10.48
C ILE A 275 5.26 -3.85 10.15
N ARG A 276 4.46 -2.82 10.01
CA ARG A 276 4.94 -1.50 9.66
C ARG A 276 5.87 -0.90 10.72
N GLY A 277 5.57 -1.14 11.98
CA GLY A 277 6.38 -0.59 13.06
C GLY A 277 7.54 -1.44 13.51
N TYR A 278 7.55 -2.72 13.16
CA TYR A 278 8.62 -3.60 13.58
C TYR A 278 9.19 -4.35 12.40
N GLY A 279 8.77 -3.98 11.20
CA GLY A 279 9.25 -4.64 10.01
C GLY A 279 9.27 -3.76 8.80
N TYR A 280 9.07 -4.37 7.63
CA TYR A 280 9.09 -3.64 6.38
C TYR A 280 7.92 -3.93 5.46
N GLU A 281 7.52 -2.91 4.71
CA GLU A 281 6.46 -3.02 3.72
C GLU A 281 7.17 -2.79 2.39
N VAL A 282 6.91 -3.65 1.41
CA VAL A 282 7.58 -3.51 0.12
C VAL A 282 6.58 -3.57 -1.03
N TYR A 283 6.70 -2.65 -1.97
CA TYR A 283 5.84 -2.69 -3.13
C TYR A 283 6.66 -3.30 -4.28
N MET A 284 6.21 -4.43 -4.81
CA MET A 284 6.92 -5.11 -5.88
C MET A 284 6.91 -4.33 -7.19
N ARG A 285 8.07 -4.17 -7.81
CA ARG A 285 8.13 -3.47 -9.08
C ARG A 285 7.71 -4.41 -10.21
N THR A 286 7.24 -3.85 -11.32
CA THR A 286 6.82 -4.71 -12.43
C THR A 286 7.73 -4.60 -13.65
N THR A 287 8.75 -3.75 -13.56
CA THR A 287 9.71 -3.60 -14.66
C THR A 287 11.10 -3.26 -14.11
N MET A 288 12.11 -3.44 -14.96
CA MET A 288 13.50 -3.13 -14.63
C MET A 288 14.09 -2.53 -15.89
N PRO A 289 15.08 -1.64 -15.76
CA PRO A 289 15.69 -1.02 -16.94
C PRO A 289 16.21 -2.05 -17.95
N ASP A 290 16.06 -1.77 -19.24
CA ASP A 290 16.56 -2.69 -20.26
C ASP A 290 18.03 -2.35 -20.48
N THR A 291 18.89 -2.89 -19.62
CA THR A 291 20.33 -2.67 -19.69
C THR A 291 21.03 -3.97 -20.02
N ILE A 292 22.28 -3.88 -20.47
CA ILE A 292 23.01 -5.08 -20.79
C ILE A 292 23.05 -5.97 -19.55
N GLU A 293 23.33 -5.36 -18.40
CA GLU A 293 23.40 -6.14 -17.18
C GLU A 293 22.08 -6.85 -16.87
N ASN A 294 20.96 -6.17 -17.09
CA ASN A 294 19.68 -6.80 -16.80
C ASN A 294 19.33 -7.93 -17.77
N ARG A 295 19.72 -7.78 -19.03
CA ARG A 295 19.48 -8.83 -20.00
C ARG A 295 20.30 -10.05 -19.60
N ARG A 296 21.52 -9.81 -19.12
CA ARG A 296 22.37 -10.91 -18.68
C ARG A 296 21.64 -11.65 -17.56
N LYS A 297 20.91 -10.92 -16.74
CA LYS A 297 20.17 -11.59 -15.67
C LYS A 297 19.02 -12.42 -16.23
N LEU A 298 18.45 -12.00 -17.36
CA LEU A 298 17.37 -12.75 -17.98
C LEU A 298 17.94 -14.03 -18.59
N VAL A 299 19.23 -14.02 -18.91
CA VAL A 299 19.87 -15.20 -19.45
C VAL A 299 19.94 -16.16 -18.27
N GLN A 300 20.33 -15.64 -17.12
CA GLN A 300 20.39 -16.46 -15.92
C GLN A 300 18.99 -17.01 -15.59
N PHE A 301 17.98 -16.17 -15.78
CA PHE A 301 16.58 -16.54 -15.54
C PHE A 301 16.16 -17.81 -16.30
N VAL A 302 16.35 -17.80 -17.61
CA VAL A 302 15.99 -18.97 -18.42
C VAL A 302 16.74 -20.20 -17.89
N ALA A 303 18.03 -20.05 -17.61
CA ALA A 303 18.82 -21.18 -17.13
C ALA A 303 18.30 -21.75 -15.80
N GLN A 304 17.97 -20.88 -14.85
CA GLN A 304 17.48 -21.36 -13.56
C GLN A 304 16.10 -21.97 -13.69
N GLU A 305 15.31 -21.47 -14.64
CA GLU A 305 13.96 -22.00 -14.86
C GLU A 305 14.05 -23.39 -15.47
N VAL A 306 14.94 -23.55 -16.45
CA VAL A 306 15.14 -24.87 -17.07
C VAL A 306 15.63 -25.84 -15.99
N LYS A 307 16.58 -25.39 -15.19
CA LYS A 307 17.12 -26.25 -14.14
C LYS A 307 16.08 -26.61 -13.10
N ARG A 308 15.31 -25.62 -12.67
CA ARG A 308 14.29 -25.86 -11.66
C ARG A 308 13.19 -26.77 -12.21
N ASP A 309 12.85 -26.63 -13.48
CA ASP A 309 11.79 -27.47 -14.05
C ASP A 309 12.23 -28.91 -14.17
N GLY A 310 13.40 -29.13 -14.74
CA GLY A 310 13.92 -30.47 -14.90
C GLY A 310 13.28 -31.33 -15.97
N LYS A 311 12.29 -30.82 -16.69
CA LYS A 311 11.64 -31.63 -17.71
C LYS A 311 11.79 -31.08 -19.13
N ILE A 312 12.53 -29.99 -19.26
CA ILE A 312 12.70 -29.38 -20.57
C ILE A 312 14.16 -29.23 -20.98
N PRO A 313 14.42 -29.15 -22.28
CA PRO A 313 15.79 -29.01 -22.77
C PRO A 313 16.32 -27.60 -22.56
N HIS A 314 17.63 -27.43 -22.78
CA HIS A 314 18.23 -26.12 -22.63
C HIS A 314 17.86 -25.28 -23.82
N PHE A 315 18.01 -23.97 -23.67
CA PHE A 315 17.66 -23.00 -24.71
C PHE A 315 18.89 -22.55 -25.52
N THR A 316 18.75 -22.39 -26.83
CA THR A 316 19.86 -21.89 -27.64
C THR A 316 19.87 -20.39 -27.43
N LYS A 317 20.94 -19.71 -27.88
CA LYS A 317 21.00 -18.27 -27.71
C LYS A 317 19.82 -17.58 -28.38
N GLU A 318 19.44 -18.01 -29.57
CA GLU A 318 18.30 -17.42 -30.27
C GLU A 318 17.01 -17.51 -29.43
N ALA A 319 16.79 -18.64 -28.77
CA ALA A 319 15.60 -18.83 -27.95
C ALA A 319 15.62 -17.89 -26.74
N VAL A 320 16.78 -17.75 -26.11
CA VAL A 320 16.88 -16.85 -24.98
C VAL A 320 16.62 -15.42 -25.48
N GLU A 321 17.14 -15.09 -26.67
CA GLU A 321 16.93 -13.75 -27.21
C GLU A 321 15.44 -13.48 -27.43
N GLU A 322 14.71 -14.48 -27.89
CA GLU A 322 13.28 -14.31 -28.11
C GLU A 322 12.60 -14.07 -26.75
N ILE A 323 13.09 -14.75 -25.71
CA ILE A 323 12.57 -14.59 -24.37
C ILE A 323 12.78 -13.11 -23.97
N VAL A 324 13.94 -12.56 -24.31
CA VAL A 324 14.23 -11.17 -24.01
C VAL A 324 13.34 -10.22 -24.82
N ARG A 325 13.06 -10.58 -26.06
CA ARG A 325 12.18 -9.75 -26.88
C ARG A 325 10.78 -9.71 -26.27
N GLU A 326 10.36 -10.81 -25.67
CA GLU A 326 9.06 -10.89 -25.03
C GLU A 326 9.08 -10.00 -23.79
N ALA A 327 10.19 -10.02 -23.07
CA ALA A 327 10.34 -9.21 -21.86
C ALA A 327 10.24 -7.71 -22.16
N GLN A 328 10.71 -7.31 -23.34
CA GLN A 328 10.65 -5.92 -23.79
C GLN A 328 9.21 -5.56 -24.12
N LYS A 329 8.54 -6.46 -24.85
CA LYS A 329 7.16 -6.25 -25.26
C LYS A 329 6.21 -6.21 -24.10
N ARG A 330 6.48 -7.01 -23.07
CA ARG A 330 5.62 -7.09 -21.90
C ARG A 330 5.89 -6.03 -20.83
N ALA A 331 6.94 -5.23 -21.02
CA ALA A 331 7.28 -4.22 -20.03
C ALA A 331 6.18 -3.17 -19.89
N GLY A 332 5.66 -2.68 -21.02
CA GLY A 332 4.63 -1.65 -20.96
C GLY A 332 5.26 -0.32 -20.58
N ARG A 333 6.56 -0.20 -20.87
CA ARG A 333 7.29 1.01 -20.54
C ARG A 333 8.56 1.01 -21.35
N LYS A 334 8.72 2.02 -22.19
CA LYS A 334 9.88 2.11 -23.05
C LYS A 334 11.20 2.01 -22.27
N GLY A 335 12.19 1.37 -22.89
CA GLY A 335 13.48 1.22 -22.26
C GLY A 335 13.51 0.29 -21.06
N HIS A 336 12.49 -0.55 -20.89
CA HIS A 336 12.46 -1.46 -19.76
C HIS A 336 12.12 -2.92 -20.13
N LEU A 337 12.27 -3.82 -19.15
CA LEU A 337 11.97 -5.24 -19.33
C LEU A 337 10.95 -5.60 -18.25
N THR A 338 10.07 -6.55 -18.51
CA THR A 338 9.06 -6.95 -17.55
C THR A 338 9.65 -7.69 -16.37
N LEU A 339 8.96 -7.62 -15.23
CA LEU A 339 9.38 -8.38 -14.06
C LEU A 339 8.24 -9.33 -13.69
N ARG A 340 7.32 -9.51 -14.64
CA ARG A 340 6.22 -10.45 -14.47
C ARG A 340 6.83 -11.76 -14.92
N LEU A 341 7.73 -12.26 -14.07
CA LEU A 341 8.49 -13.46 -14.39
C LEU A 341 7.80 -14.80 -14.24
N ARG A 342 6.65 -14.84 -13.56
CA ARG A 342 5.92 -16.09 -13.46
C ARG A 342 5.39 -16.35 -14.89
N ASP A 343 4.86 -15.30 -15.53
CA ASP A 343 4.36 -15.40 -16.90
C ASP A 343 5.48 -15.75 -17.85
N LEU A 344 6.58 -15.00 -17.82
CA LEU A 344 7.72 -15.27 -18.70
C LEU A 344 8.23 -16.70 -18.45
N GLY A 345 8.19 -17.13 -17.19
CA GLY A 345 8.60 -18.47 -16.84
C GLY A 345 7.66 -19.48 -17.47
N GLY A 346 6.40 -19.10 -17.61
CA GLY A 346 5.42 -19.97 -18.22
C GLY A 346 5.77 -20.17 -19.69
N ILE A 347 6.31 -19.13 -20.32
CA ILE A 347 6.68 -19.19 -21.73
C ILE A 347 7.91 -20.10 -21.89
N VAL A 348 8.85 -20.01 -20.96
CA VAL A 348 10.04 -20.84 -20.98
C VAL A 348 9.61 -22.32 -20.87
N ARG A 349 8.72 -22.62 -19.93
CA ARG A 349 8.31 -24.01 -19.80
C ARG A 349 7.51 -24.50 -20.99
N ALA A 350 6.65 -23.65 -21.55
CA ALA A 350 5.87 -24.07 -22.70
C ALA A 350 6.76 -24.26 -23.95
N ALA A 351 7.78 -23.42 -24.09
CA ALA A 351 8.69 -23.53 -25.23
C ALA A 351 9.41 -24.88 -25.13
N GLY A 352 9.86 -25.22 -23.92
CA GLY A 352 10.52 -26.51 -23.72
C GLY A 352 9.58 -27.67 -24.01
N ASP A 353 8.33 -27.58 -23.54
CA ASP A 353 7.36 -28.65 -23.78
C ASP A 353 7.15 -28.85 -25.28
N ILE A 354 7.08 -27.75 -26.02
CA ILE A 354 6.90 -27.81 -27.46
C ILE A 354 8.13 -28.43 -28.11
N ALA A 355 9.32 -28.04 -27.66
CA ALA A 355 10.55 -28.60 -28.21
C ALA A 355 10.58 -30.11 -27.97
N VAL A 356 10.21 -30.52 -26.76
CA VAL A 356 10.19 -31.94 -26.41
C VAL A 356 9.24 -32.73 -27.31
N LYS A 357 8.05 -32.21 -27.54
CA LYS A 357 7.06 -32.86 -28.38
C LYS A 357 7.58 -33.05 -29.82
N LYS A 358 8.36 -32.09 -30.30
CA LYS A 358 8.95 -32.14 -31.64
C LYS A 358 10.21 -33.01 -31.63
N GLY A 359 10.56 -33.53 -30.46
CA GLY A 359 11.75 -34.36 -30.33
C GLY A 359 13.04 -33.60 -30.60
N LYS A 360 13.08 -32.32 -30.26
CA LYS A 360 14.29 -31.51 -30.47
C LYS A 360 15.24 -31.66 -29.29
N LYS A 361 16.51 -31.33 -29.51
CA LYS A 361 17.47 -31.43 -28.43
C LYS A 361 17.57 -30.14 -27.62
N TYR A 362 17.31 -29.00 -28.26
CA TYR A 362 17.38 -27.72 -27.59
C TYR A 362 16.20 -26.86 -28.01
N VAL A 363 15.77 -25.94 -27.14
CA VAL A 363 14.66 -25.06 -27.48
C VAL A 363 15.20 -23.97 -28.39
N GLU A 364 14.46 -23.69 -29.46
CA GLU A 364 14.86 -22.66 -30.42
C GLU A 364 13.84 -21.50 -30.47
N ARG A 365 14.14 -20.46 -31.23
CA ARG A 365 13.27 -19.28 -31.35
C ARG A 365 11.85 -19.64 -31.75
N GLU A 366 11.74 -20.50 -32.75
CA GLU A 366 10.48 -20.98 -33.29
C GLU A 366 9.59 -21.56 -32.17
N ASP A 367 10.22 -22.29 -31.24
CA ASP A 367 9.50 -22.90 -30.13
C ASP A 367 9.00 -21.83 -29.15
N VAL A 368 9.78 -20.78 -28.96
CA VAL A 368 9.36 -19.69 -28.07
C VAL A 368 8.19 -18.94 -28.70
N ILE A 369 8.28 -18.67 -29.99
CA ILE A 369 7.20 -17.98 -30.69
C ILE A 369 5.92 -18.78 -30.58
N GLU A 370 6.02 -20.10 -30.74
CA GLU A 370 4.86 -20.98 -30.62
C GLU A 370 4.39 -21.04 -29.16
N ALA A 371 5.32 -20.98 -28.21
CA ALA A 371 4.95 -21.00 -26.80
C ALA A 371 4.14 -19.75 -26.41
N VAL A 372 4.50 -18.61 -26.98
CA VAL A 372 3.81 -17.37 -26.65
C VAL A 372 2.33 -17.50 -27.03
N LYS A 373 2.06 -18.15 -28.15
CA LYS A 373 0.69 -18.33 -28.60
C LYS A 373 -0.04 -19.33 -27.72
N MET A 374 0.60 -20.46 -27.47
CA MET A 374 0.02 -21.53 -26.67
C MET A 374 -0.13 -21.23 -25.20
N ALA A 375 0.73 -20.39 -24.64
CA ALA A 375 0.66 -20.09 -23.23
C ALA A 375 -0.06 -18.80 -22.83
N LYS A 376 -0.78 -18.17 -23.75
CA LYS A 376 -1.51 -16.93 -23.40
C LYS A 376 -2.45 -17.25 -22.24
N PRO A 377 -2.58 -16.32 -21.28
CA PRO A 377 -3.50 -16.62 -20.17
C PRO A 377 -4.95 -16.38 -20.63
N LEU A 378 -5.90 -16.85 -19.84
CA LEU A 378 -7.31 -16.68 -20.19
C LEU A 378 -7.68 -15.27 -20.65
N GLU A 379 -7.21 -14.25 -19.93
CA GLU A 379 -7.54 -12.86 -20.30
C GLU A 379 -7.20 -12.49 -21.75
N LYS A 380 -5.99 -12.83 -22.18
CA LYS A 380 -5.58 -12.51 -23.54
C LYS A 380 -6.31 -13.37 -24.55
N GLN A 381 -6.63 -14.61 -24.18
CA GLN A 381 -7.36 -15.48 -25.11
C GLN A 381 -8.73 -14.85 -25.37
N LEU A 382 -9.39 -14.33 -24.32
CA LEU A 382 -10.69 -13.70 -24.51
C LEU A 382 -10.56 -12.42 -25.33
N ALA A 383 -9.56 -11.59 -24.99
CA ALA A 383 -9.37 -10.35 -25.73
C ALA A 383 -9.12 -10.65 -27.21
N ASP A 384 -8.27 -11.64 -27.51
CA ASP A 384 -7.99 -11.98 -28.91
C ASP A 384 -9.20 -12.54 -29.65
N TRP A 385 -10.00 -13.35 -28.97
CA TRP A 385 -11.20 -13.97 -29.54
C TRP A 385 -12.18 -12.86 -29.92
N TYR A 386 -12.33 -11.89 -29.01
CA TYR A 386 -13.19 -10.74 -29.21
C TYR A 386 -12.76 -9.94 -30.45
N ILE A 387 -11.49 -9.60 -30.54
CA ILE A 387 -10.99 -8.82 -31.67
C ILE A 387 -11.09 -9.59 -32.98
N GLU A 388 -10.87 -10.89 -32.92
CA GLU A 388 -10.96 -11.73 -34.10
C GLU A 388 -12.38 -11.63 -34.66
N ARG A 389 -13.38 -11.71 -33.77
CA ARG A 389 -14.78 -11.62 -34.20
C ARG A 389 -15.13 -10.26 -34.78
N LYS A 390 -14.62 -9.20 -34.16
CA LYS A 390 -14.89 -7.84 -34.64
C LYS A 390 -14.31 -7.58 -36.02
N LYS A 391 -13.11 -8.10 -36.28
CA LYS A 391 -12.44 -7.92 -37.56
C LYS A 391 -13.17 -8.56 -38.72
N GLU A 392 -14.02 -9.53 -38.44
CA GLU A 392 -14.76 -10.22 -39.49
C GLU A 392 -15.86 -9.35 -40.09
N TYR A 393 -16.25 -8.31 -39.37
CA TYR A 393 -17.30 -7.43 -39.84
C TYR A 393 -16.77 -6.00 -39.92
N GLN A 394 -15.46 -5.86 -40.06
CA GLN A 394 -14.87 -4.54 -40.11
C GLN A 394 -15.00 -3.96 -41.51
N VAL A 395 -15.11 -2.64 -41.54
CA VAL A 395 -15.31 -1.85 -42.72
C VAL A 395 -14.05 -1.11 -43.22
N ILE A 396 -12.88 -1.69 -42.99
CA ILE A 396 -11.60 -1.08 -43.35
C ILE A 396 -11.25 -0.86 -44.83
N LYS A 397 -10.80 0.35 -45.14
CA LYS A 397 -10.34 0.72 -46.49
C LYS A 397 -8.84 0.96 -46.34
N THR A 398 -8.05 0.43 -47.26
CA THR A 398 -6.60 0.58 -47.16
C THR A 398 -5.92 1.05 -48.43
N GLU A 399 -6.72 1.40 -49.43
CA GLU A 399 -6.21 1.88 -50.71
C GLU A 399 -6.90 3.20 -51.04
N GLY A 400 -6.21 4.06 -51.79
CA GLY A 400 -6.81 5.33 -52.18
C GLY A 400 -6.89 6.37 -51.08
N SER A 401 -7.80 7.33 -51.24
CA SER A 401 -7.98 8.38 -50.25
C SER A 401 -9.46 8.69 -50.11
N GLU A 402 -9.86 9.22 -48.96
CA GLU A 402 -11.25 9.53 -48.68
C GLU A 402 -11.35 10.79 -47.85
N ILE A 403 -12.37 11.59 -48.10
CA ILE A 403 -12.58 12.81 -47.32
C ILE A 403 -13.33 12.46 -46.03
N GLY A 404 -12.83 12.89 -44.89
CA GLY A 404 -13.51 12.64 -43.63
C GLY A 404 -13.53 11.19 -43.15
N ARG A 405 -12.53 10.41 -43.56
CA ARG A 405 -12.43 9.03 -43.13
C ARG A 405 -10.97 8.75 -42.82
N VAL A 406 -10.68 8.32 -41.60
CA VAL A 406 -9.31 8.03 -41.19
C VAL A 406 -9.20 6.71 -40.45
N ASN A 407 -8.09 6.03 -40.63
CA ASN A 407 -7.86 4.76 -39.94
C ASN A 407 -7.11 5.02 -38.65
N GLY A 408 -7.85 5.02 -37.53
CA GLY A 408 -7.21 5.19 -36.25
C GLY A 408 -6.82 3.80 -35.79
N LEU A 409 -6.27 3.67 -34.58
CA LEU A 409 -5.87 2.37 -34.06
C LEU A 409 -6.27 2.23 -32.59
N ALA A 410 -6.78 1.07 -32.21
CA ALA A 410 -7.18 0.86 -30.84
C ALA A 410 -6.53 -0.40 -30.28
N VAL A 411 -6.29 -0.42 -28.98
CA VAL A 411 -5.72 -1.58 -28.32
C VAL A 411 -6.69 -2.00 -27.23
N ILE A 412 -7.20 -3.22 -27.33
CA ILE A 412 -8.14 -3.79 -26.36
C ILE A 412 -7.35 -4.65 -25.40
N GLY A 413 -7.60 -4.52 -24.10
CA GLY A 413 -6.86 -5.32 -23.15
C GLY A 413 -5.40 -4.91 -23.25
N GLU A 414 -4.50 -5.84 -22.99
CA GLU A 414 -3.08 -5.53 -23.04
C GLU A 414 -2.40 -5.55 -24.40
N GLN A 415 -2.76 -6.52 -25.23
CA GLN A 415 -2.11 -6.69 -26.53
C GLN A 415 -3.02 -6.95 -27.74
N SER A 416 -4.31 -6.64 -27.62
CA SER A 416 -5.21 -6.89 -28.75
C SER A 416 -5.53 -5.66 -29.58
N GLY A 417 -4.76 -5.43 -30.63
CA GLY A 417 -5.01 -4.26 -31.46
C GLY A 417 -6.02 -4.43 -32.57
N ILE A 418 -6.59 -3.33 -33.01
CA ILE A 418 -7.54 -3.37 -34.11
C ILE A 418 -7.59 -2.00 -34.77
N VAL A 419 -7.83 -1.98 -36.08
CA VAL A 419 -7.91 -0.71 -36.78
C VAL A 419 -9.22 -0.06 -36.37
N LEU A 420 -9.17 1.25 -36.16
CA LEU A 420 -10.32 1.99 -35.70
C LEU A 420 -10.71 3.09 -36.67
N PRO A 421 -11.56 2.77 -37.66
CA PRO A 421 -11.99 3.78 -38.62
C PRO A 421 -12.90 4.83 -37.96
N ILE A 422 -12.63 6.08 -38.26
CA ILE A 422 -13.37 7.20 -37.71
C ILE A 422 -13.79 8.08 -38.88
N GLU A 423 -15.03 8.56 -38.85
CA GLU A 423 -15.51 9.42 -39.92
C GLU A 423 -15.99 10.76 -39.37
N ALA A 424 -15.96 11.75 -40.23
CA ALA A 424 -16.41 13.08 -39.87
C ALA A 424 -17.04 13.74 -41.10
N VAL A 425 -18.14 14.46 -40.89
CA VAL A 425 -18.79 15.21 -41.96
C VAL A 425 -19.23 16.54 -41.35
N VAL A 426 -19.27 17.58 -42.17
CA VAL A 426 -19.66 18.91 -41.75
C VAL A 426 -21.05 19.20 -42.28
N ALA A 427 -21.92 19.75 -41.43
CA ALA A 427 -23.28 20.09 -41.84
C ALA A 427 -23.58 21.48 -41.30
N PRO A 428 -24.65 22.10 -41.80
CA PRO A 428 -25.00 23.44 -41.31
C PRO A 428 -25.45 23.24 -39.86
N ALA A 429 -25.19 24.21 -39.00
CA ALA A 429 -25.55 24.09 -37.60
C ALA A 429 -27.06 24.00 -37.43
N ALA A 430 -27.51 23.07 -36.59
CA ALA A 430 -28.95 22.88 -36.34
C ALA A 430 -29.49 24.07 -35.54
N SER A 431 -28.59 24.73 -34.80
CA SER A 431 -28.96 25.90 -34.01
C SER A 431 -28.38 27.13 -34.69
N LYS A 432 -29.17 28.20 -34.78
CA LYS A 432 -28.73 29.42 -35.42
C LYS A 432 -27.82 30.23 -34.51
N GLU A 433 -27.73 29.86 -33.25
CA GLU A 433 -26.88 30.60 -32.33
C GLU A 433 -25.52 29.96 -32.01
N GLU A 434 -25.32 28.71 -32.41
CA GLU A 434 -24.04 28.06 -32.10
C GLU A 434 -23.74 26.83 -32.95
N GLY A 435 -22.46 26.56 -33.13
CA GLY A 435 -22.04 25.40 -33.89
C GLY A 435 -21.56 24.37 -32.89
N LYS A 436 -21.82 23.09 -33.17
CA LYS A 436 -21.40 22.03 -32.25
C LYS A 436 -20.59 20.92 -32.92
N ILE A 437 -19.84 20.21 -32.10
CA ILE A 437 -19.05 19.08 -32.56
C ILE A 437 -19.74 17.92 -31.84
N ILE A 438 -20.48 17.13 -32.63
CA ILE A 438 -21.26 16.01 -32.14
C ILE A 438 -20.54 14.70 -32.41
N VAL A 439 -20.08 14.04 -31.35
CA VAL A 439 -19.33 12.81 -31.51
C VAL A 439 -20.05 11.58 -30.97
N THR A 440 -20.04 10.51 -31.77
CA THR A 440 -20.69 9.27 -31.38
C THR A 440 -19.72 8.09 -31.31
N GLY A 441 -20.13 7.05 -30.59
CA GLY A 441 -19.31 5.86 -30.42
C GLY A 441 -19.18 5.38 -28.97
N LYS A 442 -20.06 5.88 -28.10
CA LYS A 442 -20.03 5.54 -26.67
C LYS A 442 -18.66 5.85 -26.05
N LEU A 443 -18.25 7.10 -26.16
CA LEU A 443 -16.95 7.52 -25.63
C LEU A 443 -16.99 7.68 -24.11
N GLY A 444 -15.90 7.27 -23.47
CA GLY A 444 -15.76 7.42 -22.03
C GLY A 444 -15.34 8.86 -21.78
N GLU A 445 -15.15 9.23 -20.51
CA GLU A 445 -14.79 10.61 -20.20
C GLU A 445 -13.47 11.13 -20.78
N ILE A 446 -12.41 10.35 -20.72
CA ILE A 446 -11.13 10.80 -21.28
C ILE A 446 -11.27 11.02 -22.79
N ALA A 447 -12.00 10.14 -23.48
CA ALA A 447 -12.20 10.27 -24.91
C ALA A 447 -12.99 11.52 -25.24
N LYS A 448 -14.04 11.79 -24.46
CA LYS A 448 -14.85 12.97 -24.68
C LYS A 448 -14.06 14.27 -24.47
N GLU A 449 -13.21 14.29 -23.44
CA GLU A 449 -12.43 15.50 -23.22
C GLU A 449 -11.34 15.61 -24.28
N ALA A 450 -10.91 14.48 -24.83
CA ALA A 450 -9.90 14.47 -25.89
C ALA A 450 -10.48 15.23 -27.09
N VAL A 451 -11.76 15.00 -27.37
CA VAL A 451 -12.42 15.69 -28.47
C VAL A 451 -12.48 17.19 -28.20
N GLN A 452 -12.69 17.58 -26.95
CA GLN A 452 -12.74 19.00 -26.61
C GLN A 452 -11.37 19.67 -26.83
N ASN A 453 -10.29 18.98 -26.49
CA ASN A 453 -8.95 19.54 -26.69
C ASN A 453 -8.74 19.71 -28.19
N VAL A 454 -9.20 18.72 -28.95
CA VAL A 454 -9.06 18.78 -30.41
C VAL A 454 -9.81 19.98 -30.97
N SER A 455 -11.03 20.20 -30.47
CA SER A 455 -11.86 21.30 -30.95
C SER A 455 -11.18 22.65 -30.81
N ALA A 456 -10.33 22.80 -29.79
CA ALA A 456 -9.61 24.07 -29.60
C ALA A 456 -8.76 24.39 -30.84
N ILE A 457 -8.10 23.37 -31.37
CA ILE A 457 -7.25 23.51 -32.55
C ILE A 457 -8.10 23.86 -33.75
N ILE A 458 -9.16 23.09 -33.93
CA ILE A 458 -10.10 23.28 -35.03
C ILE A 458 -10.66 24.71 -35.05
N LYS A 459 -11.23 25.13 -33.93
CA LYS A 459 -11.79 26.46 -33.84
C LYS A 459 -10.78 27.55 -34.13
N ARG A 460 -9.56 27.36 -33.65
CA ARG A 460 -8.52 28.36 -33.86
C ARG A 460 -8.12 28.56 -35.33
N TYR A 461 -7.88 27.49 -36.07
CA TYR A 461 -7.47 27.68 -37.46
C TYR A 461 -8.64 28.02 -38.36
N LYS A 462 -9.83 27.50 -38.03
CA LYS A 462 -11.01 27.75 -38.84
C LYS A 462 -11.60 29.15 -38.64
N GLY A 463 -11.48 29.68 -37.43
CA GLY A 463 -12.00 31.01 -37.16
C GLY A 463 -13.48 31.11 -36.83
N GLU A 464 -13.94 32.35 -36.75
CA GLU A 464 -15.32 32.69 -36.41
C GLU A 464 -16.42 31.90 -37.09
N ASP A 465 -16.23 31.53 -38.36
CA ASP A 465 -17.24 30.77 -39.08
C ASP A 465 -17.58 29.43 -38.45
N ILE A 466 -16.67 28.93 -37.61
CA ILE A 466 -16.88 27.64 -36.97
C ILE A 466 -18.25 27.55 -36.31
N SER A 467 -18.78 28.66 -35.83
CA SER A 467 -20.08 28.67 -35.17
C SER A 467 -21.24 28.41 -36.11
N ARG A 468 -20.93 28.33 -37.40
CA ARG A 468 -21.94 28.13 -38.43
C ARG A 468 -22.10 26.66 -38.83
N TYR A 469 -21.31 25.77 -38.23
CA TYR A 469 -21.37 24.37 -38.60
C TYR A 469 -21.54 23.45 -37.41
N ASP A 470 -22.14 22.31 -37.73
CA ASP A 470 -22.30 21.22 -36.77
C ASP A 470 -21.35 20.19 -37.40
N ILE A 471 -20.39 19.71 -36.64
CA ILE A 471 -19.46 18.71 -37.14
C ILE A 471 -19.77 17.38 -36.45
N HIS A 472 -20.15 16.38 -37.23
CA HIS A 472 -20.48 15.06 -36.70
C HIS A 472 -19.31 14.11 -36.90
N VAL A 473 -18.84 13.56 -35.78
CA VAL A 473 -17.74 12.60 -35.82
C VAL A 473 -18.28 11.27 -35.32
N GLN A 474 -17.92 10.18 -36.02
CA GLN A 474 -18.39 8.87 -35.61
C GLN A 474 -17.29 7.82 -35.54
N PHE A 475 -17.13 7.20 -34.37
CA PHE A 475 -16.16 6.12 -34.22
C PHE A 475 -17.00 4.95 -34.67
N LEU A 476 -16.69 4.38 -35.84
CA LEU A 476 -17.50 3.30 -36.35
C LEU A 476 -17.49 1.97 -35.58
N GLN A 477 -18.69 1.46 -35.34
CA GLN A 477 -18.88 0.16 -34.72
C GLN A 477 -18.28 -0.09 -33.33
N THR A 478 -18.07 0.96 -32.55
CA THR A 478 -17.50 0.82 -31.22
C THR A 478 -18.62 0.55 -30.20
N TYR A 479 -19.30 -0.59 -30.39
CA TYR A 479 -20.42 -0.98 -29.54
C TYR A 479 -20.10 -1.23 -28.07
N GLU A 480 -18.83 -1.45 -27.75
CA GLU A 480 -18.44 -1.63 -26.36
C GLU A 480 -17.79 -0.36 -25.84
N GLY A 481 -17.86 0.72 -26.62
CA GLY A 481 -17.28 1.97 -26.17
C GLY A 481 -15.91 2.32 -26.71
N VAL A 482 -15.48 3.53 -26.38
CA VAL A 482 -14.19 4.06 -26.79
C VAL A 482 -13.55 4.61 -25.53
N GLU A 483 -12.33 4.21 -25.23
CA GLU A 483 -11.69 4.74 -24.03
C GLU A 483 -10.30 5.29 -24.30
N GLY A 484 -9.92 6.31 -23.55
CA GLY A 484 -8.60 6.86 -23.73
C GLY A 484 -8.60 7.98 -24.74
N ASP A 485 -7.42 8.55 -24.96
CA ASP A 485 -7.27 9.67 -25.86
C ASP A 485 -6.34 9.39 -27.04
N ALA A 486 -6.06 8.12 -27.32
CA ALA A 486 -5.15 7.75 -28.42
C ALA A 486 -5.72 8.06 -29.80
N ALA A 487 -7.01 8.40 -29.88
CA ALA A 487 -7.59 8.73 -31.18
C ALA A 487 -7.63 10.25 -31.41
N SER A 488 -6.97 11.01 -30.55
CA SER A 488 -6.94 12.48 -30.67
C SER A 488 -6.52 12.99 -32.04
N ILE A 489 -5.36 12.56 -32.53
CA ILE A 489 -4.88 13.04 -33.81
C ILE A 489 -5.74 12.50 -34.95
N SER A 490 -6.40 11.37 -34.72
CA SER A 490 -7.26 10.77 -35.74
C SER A 490 -8.50 11.64 -35.92
N VAL A 491 -9.10 12.03 -34.80
CA VAL A 491 -10.28 12.87 -34.85
C VAL A 491 -9.93 14.21 -35.48
N ALA A 492 -8.77 14.76 -35.12
CA ALA A 492 -8.35 16.04 -35.65
C ALA A 492 -8.24 15.95 -37.18
N THR A 493 -7.58 14.89 -37.65
CA THR A 493 -7.40 14.68 -39.07
C THR A 493 -8.72 14.50 -39.81
N ALA A 494 -9.61 13.65 -39.28
CA ALA A 494 -10.89 13.44 -39.93
C ALA A 494 -11.69 14.74 -40.03
N VAL A 495 -11.66 15.53 -38.96
CA VAL A 495 -12.41 16.79 -38.93
C VAL A 495 -11.83 17.84 -39.87
N ILE A 496 -10.51 18.01 -39.83
CA ILE A 496 -9.87 18.97 -40.70
C ILE A 496 -10.10 18.55 -42.15
N SER A 497 -10.07 17.24 -42.41
CA SER A 497 -10.31 16.74 -43.76
C SER A 497 -11.73 17.05 -44.22
N ALA A 498 -12.69 16.90 -43.32
CA ALA A 498 -14.09 17.15 -43.67
C ALA A 498 -14.35 18.64 -43.86
N LEU A 499 -13.70 19.47 -43.07
CA LEU A 499 -13.90 20.91 -43.15
C LEU A 499 -13.30 21.53 -44.42
N GLU A 500 -12.18 20.99 -44.86
CA GLU A 500 -11.47 21.51 -46.00
C GLU A 500 -11.68 20.75 -47.30
N GLY A 501 -12.27 19.57 -47.21
CA GLY A 501 -12.48 18.78 -48.41
C GLY A 501 -11.17 18.23 -48.94
N ILE A 502 -10.22 17.94 -48.05
CA ILE A 502 -8.93 17.37 -48.45
C ILE A 502 -8.95 15.87 -48.13
N PRO A 503 -8.86 15.01 -49.15
CA PRO A 503 -8.89 13.58 -48.85
C PRO A 503 -7.73 13.07 -48.00
N ILE A 504 -8.01 11.99 -47.26
CA ILE A 504 -7.04 11.35 -46.37
C ILE A 504 -6.58 10.03 -46.95
N ARG A 505 -5.28 9.79 -47.00
CA ARG A 505 -4.78 8.54 -47.53
C ARG A 505 -5.28 7.37 -46.68
N GLN A 506 -5.82 6.35 -47.33
CA GLN A 506 -6.32 5.19 -46.61
C GLN A 506 -5.23 4.17 -46.30
N ASP A 507 -4.05 4.35 -46.91
CA ASP A 507 -2.95 3.42 -46.66
C ASP A 507 -2.14 3.88 -45.46
N VAL A 508 -2.71 4.83 -44.72
CA VAL A 508 -2.07 5.34 -43.52
C VAL A 508 -2.95 5.08 -42.30
N ALA A 509 -2.32 4.74 -41.18
CA ALA A 509 -3.02 4.51 -39.92
C ALA A 509 -2.30 5.37 -38.88
N MET A 510 -2.99 5.79 -37.84
CA MET A 510 -2.37 6.64 -36.85
C MET A 510 -2.92 6.46 -35.44
N THR A 511 -2.09 6.83 -34.47
CA THR A 511 -2.49 6.79 -33.06
C THR A 511 -1.65 7.83 -32.35
N GLY A 512 -2.28 8.57 -31.43
CA GLY A 512 -1.57 9.58 -30.70
C GLY A 512 -2.48 10.55 -29.98
N SER A 513 -2.10 10.95 -28.78
CA SER A 513 -2.90 11.89 -28.01
C SER A 513 -2.51 13.29 -28.50
N LEU A 514 -3.18 14.32 -28.00
CA LEU A 514 -2.89 15.68 -28.45
C LEU A 514 -3.13 16.73 -27.37
N SER A 515 -2.31 17.79 -27.37
CA SER A 515 -2.49 18.88 -26.41
C SER A 515 -3.16 20.01 -27.17
N VAL A 516 -3.79 20.94 -26.45
CA VAL A 516 -4.47 22.04 -27.13
C VAL A 516 -3.50 22.93 -27.87
N ARG A 517 -2.20 22.81 -27.58
CA ARG A 517 -1.23 23.61 -28.30
C ARG A 517 -0.68 22.81 -29.50
N GLY A 518 -1.27 21.65 -29.78
CA GLY A 518 -0.86 20.86 -30.92
C GLY A 518 0.25 19.82 -30.76
N GLU A 519 0.70 19.60 -29.55
CA GLU A 519 1.75 18.62 -29.31
C GLU A 519 1.18 17.19 -29.29
N VAL A 520 1.82 16.27 -30.00
CA VAL A 520 1.35 14.89 -30.03
C VAL A 520 1.84 14.23 -28.76
N LEU A 521 0.91 13.65 -27.99
CA LEU A 521 1.24 13.00 -26.73
C LEU A 521 1.27 11.48 -26.84
N PRO A 522 2.09 10.83 -26.01
CA PRO A 522 2.24 9.37 -26.01
C PRO A 522 0.98 8.53 -25.79
N ILE A 523 0.99 7.31 -26.31
CA ILE A 523 -0.11 6.38 -26.17
C ILE A 523 0.40 5.02 -25.68
N GLY A 524 -0.51 4.16 -25.21
CA GLY A 524 -0.10 2.85 -24.74
C GLY A 524 -0.34 1.78 -25.80
N GLY A 525 0.48 0.73 -25.81
CA GLY A 525 0.30 -0.33 -26.80
C GLY A 525 0.72 -0.03 -28.23
N ALA A 526 1.78 0.74 -28.41
CA ALA A 526 2.26 1.07 -29.75
C ALA A 526 2.50 -0.18 -30.62
N THR A 527 3.12 -1.21 -30.06
CA THR A 527 3.38 -2.42 -30.85
C THR A 527 2.09 -3.14 -31.27
N PRO A 528 1.18 -3.44 -30.32
CA PRO A 528 -0.08 -4.12 -30.69
C PRO A 528 -0.86 -3.30 -31.73
N ALA A 529 -0.80 -1.98 -31.62
CA ALA A 529 -1.52 -1.12 -32.57
C ALA A 529 -0.91 -1.23 -33.96
N ILE A 530 0.42 -1.20 -34.02
CA ILE A 530 1.12 -1.30 -35.28
C ILE A 530 0.91 -2.70 -35.88
N GLU A 531 0.87 -3.72 -35.05
CA GLU A 531 0.65 -5.06 -35.60
C GLU A 531 -0.72 -5.16 -36.26
N ALA A 532 -1.69 -4.41 -35.72
CA ALA A 532 -3.03 -4.43 -36.31
C ALA A 532 -3.01 -3.76 -37.69
N ALA A 533 -2.24 -2.68 -37.82
CA ALA A 533 -2.13 -1.97 -39.09
C ALA A 533 -1.49 -2.91 -40.11
N ILE A 534 -0.41 -3.57 -39.71
CA ILE A 534 0.27 -4.51 -40.59
C ILE A 534 -0.67 -5.64 -41.07
N GLU A 535 -1.43 -6.20 -40.14
CA GLU A 535 -2.35 -7.28 -40.47
C GLU A 535 -3.44 -6.82 -41.43
N ALA A 536 -3.82 -5.56 -41.33
CA ALA A 536 -4.86 -4.99 -42.18
C ALA A 536 -4.33 -4.53 -43.53
N GLY A 537 -3.02 -4.55 -43.71
CA GLY A 537 -2.45 -4.15 -44.99
C GLY A 537 -2.19 -2.66 -45.13
N ILE A 538 -2.08 -1.95 -44.00
CA ILE A 538 -1.80 -0.52 -44.02
C ILE A 538 -0.30 -0.40 -44.17
N LYS A 539 0.16 0.42 -45.11
CA LYS A 539 1.59 0.57 -45.35
C LYS A 539 2.39 1.54 -44.49
N MET A 540 1.73 2.58 -43.98
CA MET A 540 2.39 3.57 -43.14
C MET A 540 1.60 3.78 -41.84
N VAL A 541 2.30 3.95 -40.74
CA VAL A 541 1.62 4.20 -39.47
C VAL A 541 2.29 5.37 -38.77
N ILE A 542 1.46 6.29 -38.27
CA ILE A 542 1.95 7.47 -37.55
C ILE A 542 1.80 7.24 -36.04
N ILE A 543 2.85 7.51 -35.28
CA ILE A 543 2.82 7.32 -33.82
C ILE A 543 3.56 8.48 -33.16
N PRO A 544 3.38 8.69 -31.84
CA PRO A 544 4.06 9.79 -31.15
C PRO A 544 5.57 9.49 -31.11
N LYS A 545 6.42 10.49 -31.31
CA LYS A 545 7.86 10.25 -31.28
C LYS A 545 8.23 9.68 -29.91
N SER A 546 7.45 10.09 -28.92
CA SER A 546 7.62 9.66 -27.54
C SER A 546 7.54 8.14 -27.39
N ASN A 547 6.89 7.47 -28.35
CA ASN A 547 6.72 6.02 -28.33
C ASN A 547 7.64 5.25 -29.29
N GLU A 548 8.59 5.92 -29.94
CA GLU A 548 9.42 5.15 -30.86
C GLU A 548 10.16 4.00 -30.17
N LYS A 549 10.46 4.12 -28.89
CA LYS A 549 11.14 3.02 -28.22
C LYS A 549 10.16 1.95 -27.69
N ASP A 550 8.89 2.10 -28.02
CA ASP A 550 7.86 1.14 -27.59
C ASP A 550 7.50 0.24 -28.79
N VAL A 551 8.23 0.39 -29.88
CA VAL A 551 7.99 -0.40 -31.08
C VAL A 551 8.90 -1.62 -31.09
N PHE A 552 8.30 -2.81 -31.10
CA PHE A 552 9.06 -4.05 -31.11
C PHE A 552 8.57 -4.89 -32.26
N LEU A 553 9.37 -4.90 -33.32
CA LEU A 553 9.01 -5.62 -34.53
C LEU A 553 10.17 -6.48 -34.96
N SER A 554 9.86 -7.69 -35.41
CA SER A 554 10.88 -8.59 -35.90
C SER A 554 11.34 -8.00 -37.23
N LYS A 555 12.50 -8.46 -37.68
CA LYS A 555 13.05 -7.99 -38.95
C LYS A 555 11.97 -8.13 -40.04
N ASP A 556 11.32 -9.29 -40.06
CA ASP A 556 10.29 -9.59 -41.01
C ASP A 556 9.14 -8.56 -41.06
N LYS A 557 8.44 -8.36 -39.95
CA LYS A 557 7.33 -7.41 -39.91
C LYS A 557 7.75 -5.96 -40.17
N ALA A 558 8.96 -5.60 -39.75
CA ALA A 558 9.46 -4.24 -39.93
C ALA A 558 9.49 -3.86 -41.40
N GLU A 559 9.80 -4.82 -42.25
CA GLU A 559 9.87 -4.59 -43.68
C GLU A 559 8.50 -4.33 -44.29
N LYS A 560 7.43 -4.74 -43.61
CA LYS A 560 6.09 -4.55 -44.16
C LYS A 560 5.46 -3.17 -43.90
N ILE A 561 6.11 -2.33 -43.11
CA ILE A 561 5.47 -1.05 -42.84
C ILE A 561 6.46 0.07 -42.55
N GLN A 562 6.06 1.30 -42.89
CA GLN A 562 6.88 2.48 -42.63
C GLN A 562 6.34 3.20 -41.40
N ILE A 563 7.19 3.37 -40.39
CA ILE A 563 6.78 4.04 -39.15
C ILE A 563 7.22 5.50 -39.12
N PHE A 564 6.25 6.37 -38.87
CA PHE A 564 6.48 7.80 -38.81
C PHE A 564 6.26 8.39 -37.41
N PRO A 565 7.33 8.56 -36.62
CA PRO A 565 7.13 9.14 -35.29
C PRO A 565 6.98 10.65 -35.43
N VAL A 566 5.98 11.24 -34.79
CA VAL A 566 5.76 12.67 -34.90
C VAL A 566 5.65 13.37 -33.55
N GLU A 567 5.85 14.69 -33.59
CA GLU A 567 5.81 15.53 -32.39
C GLU A 567 4.68 16.56 -32.40
N THR A 568 4.21 16.94 -33.60
CA THR A 568 3.16 17.96 -33.73
C THR A 568 2.06 17.56 -34.70
N ILE A 569 0.89 18.16 -34.50
CA ILE A 569 -0.26 17.87 -35.34
C ILE A 569 -0.05 18.20 -36.83
N ASP A 570 0.71 19.24 -37.11
CA ASP A 570 0.96 19.60 -38.51
C ASP A 570 1.75 18.50 -39.22
N GLU A 571 2.60 17.78 -38.50
CA GLU A 571 3.36 16.67 -39.09
C GLU A 571 2.44 15.48 -39.43
N VAL A 572 1.41 15.27 -38.61
CA VAL A 572 0.46 14.20 -38.84
C VAL A 572 -0.31 14.51 -40.14
N LEU A 573 -0.72 15.76 -40.27
CA LEU A 573 -1.48 16.17 -41.45
C LEU A 573 -0.64 16.14 -42.74
N GLU A 574 0.64 16.47 -42.65
CA GLU A 574 1.42 16.46 -43.87
C GLU A 574 1.62 15.04 -44.39
N ILE A 575 1.55 14.06 -43.50
CA ILE A 575 1.70 12.67 -43.90
C ILE A 575 0.37 12.07 -44.36
N ALA A 576 -0.70 12.32 -43.60
CA ALA A 576 -2.01 11.76 -43.89
C ALA A 576 -2.87 12.40 -44.98
N LEU A 577 -2.78 13.71 -45.13
CA LEU A 577 -3.57 14.39 -46.15
C LEU A 577 -2.94 14.24 -47.53
N GLU A 578 -3.79 14.01 -48.52
CA GLU A 578 -3.34 13.85 -49.90
C GLU A 578 -2.74 15.16 -50.41
N GLU A 579 -1.66 15.06 -51.16
CA GLU A 579 -0.96 16.24 -51.72
C GLU A 579 -1.76 17.09 -52.69
N SER A 580 -1.66 18.40 -52.50
CA SER A 580 -2.33 19.37 -53.35
C SER A 580 -1.95 20.76 -52.87
N GLU A 581 -2.37 21.76 -53.64
CA GLU A 581 -2.09 23.15 -53.29
C GLU A 581 -2.94 23.49 -52.07
N LYS A 582 -4.15 22.94 -52.07
CA LYS A 582 -5.11 23.13 -50.99
C LYS A 582 -4.53 22.70 -49.64
N LYS A 583 -3.86 21.55 -49.65
CA LYS A 583 -3.26 21.01 -48.45
C LYS A 583 -2.10 21.86 -47.94
N ARG A 584 -1.21 22.25 -48.85
CA ARG A 584 -0.07 23.06 -48.43
C ARG A 584 -0.53 24.40 -47.86
N GLU A 585 -1.63 24.92 -48.39
CA GLU A 585 -2.18 26.18 -47.90
C GLU A 585 -2.81 25.95 -46.53
N LEU A 586 -3.40 24.78 -46.34
CA LEU A 586 -4.02 24.41 -45.07
C LEU A 586 -2.94 24.30 -44.00
N LEU A 587 -1.86 23.58 -44.30
CA LEU A 587 -0.76 23.40 -43.36
C LEU A 587 -0.17 24.74 -42.90
N ARG A 588 0.05 25.63 -43.85
CA ARG A 588 0.59 26.95 -43.56
C ARG A 588 -0.36 27.68 -42.61
N ARG A 589 -1.65 27.59 -42.92
CA ARG A 589 -2.66 28.24 -42.12
C ARG A 589 -2.69 27.67 -40.70
N ILE A 590 -2.59 26.36 -40.57
CA ILE A 590 -2.60 25.73 -39.26
C ILE A 590 -1.32 26.04 -38.49
N ARG A 591 -0.17 25.98 -39.16
CA ARG A 591 1.09 26.26 -38.50
C ARG A 591 1.10 27.66 -37.91
N GLU A 592 0.31 28.54 -38.50
CA GLU A 592 0.21 29.92 -38.03
C GLU A 592 -0.40 29.99 -36.63
N THR A 593 -1.23 28.99 -36.30
CA THR A 593 -1.90 28.96 -35.00
C THR A 593 -1.19 28.13 -33.94
N LEU A 594 -0.10 27.48 -34.31
CA LEU A 594 0.66 26.65 -33.38
C LEU A 594 1.91 27.41 -32.90
N PRO A 595 2.38 27.12 -31.68
CA PRO A 595 3.57 27.83 -31.20
C PRO A 595 4.82 27.51 -32.02
N LEU A 596 5.68 28.52 -32.18
CA LEU A 596 6.94 28.36 -32.90
C LEU A 596 7.77 27.34 -32.13
N SER A 597 7.61 27.33 -30.81
CA SER A 597 8.30 26.39 -29.93
C SER A 597 8.10 24.96 -30.44
N LEU A 598 6.99 24.72 -31.14
CA LEU A 598 6.65 23.40 -31.71
C LEU A 598 7.09 23.28 -33.16
N SER B 20 21.59 22.06 12.52
CA SER B 20 21.01 21.31 13.68
C SER B 20 19.68 21.92 14.10
N LEU B 21 19.15 21.41 15.21
CA LEU B 21 17.87 21.88 15.74
C LEU B 21 17.91 21.91 17.27
N GLU B 22 17.15 22.80 17.88
CA GLU B 22 17.13 22.85 19.34
C GLU B 22 16.22 21.73 19.83
N LEU B 23 16.79 20.83 20.62
CA LEU B 23 16.05 19.71 21.17
C LEU B 23 15.85 19.83 22.67
N GLY B 24 16.31 20.94 23.24
CA GLY B 24 16.15 21.17 24.66
C GLY B 24 16.85 20.18 25.57
N ILE B 25 17.94 19.61 25.07
CA ILE B 25 18.69 18.64 25.84
C ILE B 25 20.02 18.42 25.12
N GLU B 26 21.11 18.39 25.88
CA GLU B 26 22.43 18.18 25.31
C GLU B 26 22.90 16.76 25.56
N PHE B 27 23.41 16.14 24.50
CA PHE B 27 23.89 14.78 24.59
C PHE B 27 24.63 14.48 23.29
N THR B 28 25.35 13.36 23.28
CA THR B 28 26.10 12.95 22.11
C THR B 28 25.40 11.75 21.47
N THR B 29 24.90 10.83 22.30
CA THR B 29 24.14 9.67 21.81
C THR B 29 22.99 9.39 22.79
N THR B 30 21.93 8.75 22.29
CA THR B 30 20.77 8.45 23.13
C THR B 30 21.11 7.60 24.35
N GLU B 31 22.30 7.01 24.34
CA GLU B 31 22.73 6.20 25.46
C GLU B 31 22.74 7.04 26.74
N GLU B 32 22.91 8.35 26.56
CA GLU B 32 22.95 9.31 27.66
C GLU B 32 21.57 9.73 28.18
N ILE B 33 20.54 9.49 27.38
CA ILE B 33 19.18 9.89 27.75
C ILE B 33 18.52 8.95 28.74
N GLU B 34 17.96 9.54 29.79
CA GLU B 34 17.30 8.76 30.83
C GLU B 34 15.80 8.63 30.61
N VAL B 35 15.33 7.39 30.61
CA VAL B 35 13.90 7.10 30.45
C VAL B 35 13.30 7.08 31.85
N PRO B 36 12.34 7.99 32.12
CA PRO B 36 11.62 8.18 33.39
C PRO B 36 11.26 6.95 34.19
N GLU B 37 10.93 7.22 35.45
CA GLU B 37 10.55 6.19 36.40
C GLU B 37 9.09 5.82 36.13
N LYS B 38 8.23 6.83 36.17
CA LYS B 38 6.80 6.65 35.97
C LYS B 38 6.38 6.49 34.50
N LEU B 39 5.56 5.47 34.24
CA LEU B 39 5.08 5.22 32.90
C LEU B 39 4.24 6.39 32.41
N ILE B 40 3.48 6.99 33.31
CA ILE B 40 2.65 8.12 32.94
C ILE B 40 3.54 9.21 32.35
N ASP B 41 4.77 9.30 32.84
CA ASP B 41 5.70 10.32 32.37
C ASP B 41 6.27 10.01 30.99
N GLN B 42 6.37 8.73 30.66
CA GLN B 42 6.89 8.31 29.37
C GLN B 42 5.97 8.71 28.21
N VAL B 43 4.66 8.56 28.41
CA VAL B 43 3.69 8.89 27.38
C VAL B 43 4.00 10.21 26.68
N ILE B 44 4.17 10.16 25.36
CA ILE B 44 4.50 11.34 24.56
C ILE B 44 3.28 12.09 24.02
N GLY B 45 3.26 13.39 24.27
CA GLY B 45 2.22 14.28 23.78
C GLY B 45 0.73 13.96 23.74
N GLN B 46 0.22 13.18 24.67
CA GLN B 46 -1.23 12.95 24.67
C GLN B 46 -1.69 13.58 25.97
N GLU B 47 -1.36 14.86 26.14
CA GLU B 47 -1.70 15.60 27.35
C GLU B 47 -3.12 15.47 27.86
N HIS B 48 -4.10 15.43 26.96
CA HIS B 48 -5.48 15.31 27.39
C HIS B 48 -5.67 13.93 28.00
N ALA B 49 -5.25 12.90 27.29
CA ALA B 49 -5.38 11.53 27.76
C ALA B 49 -4.66 11.33 29.09
N VAL B 50 -3.46 11.91 29.21
CA VAL B 50 -2.70 11.77 30.44
C VAL B 50 -3.45 12.35 31.62
N GLU B 51 -4.06 13.52 31.42
CA GLU B 51 -4.80 14.17 32.48
C GLU B 51 -6.06 13.37 32.82
N VAL B 52 -6.70 12.79 31.82
CA VAL B 52 -7.89 11.97 32.05
C VAL B 52 -7.49 10.73 32.85
N ILE B 53 -6.39 10.10 32.47
CA ILE B 53 -5.91 8.91 33.17
C ILE B 53 -5.62 9.25 34.64
N LYS B 54 -4.95 10.37 34.88
CA LYS B 54 -4.65 10.78 36.24
C LYS B 54 -5.90 11.04 37.05
N THR B 55 -6.87 11.71 36.44
CA THR B 55 -8.12 12.03 37.12
C THR B 55 -8.97 10.78 37.35
N ALA B 56 -8.95 9.87 36.38
CA ALA B 56 -9.74 8.65 36.48
C ALA B 56 -9.12 7.63 37.44
N ALA B 57 -7.82 7.44 37.36
CA ALA B 57 -7.14 6.48 38.24
C ALA B 57 -7.47 6.80 39.67
N ASN B 58 -7.31 8.08 39.99
CA ASN B 58 -7.55 8.60 41.31
C ASN B 58 -8.95 8.26 41.83
N GLN B 59 -9.93 8.17 40.93
CA GLN B 59 -11.31 7.89 41.29
C GLN B 59 -11.88 6.55 40.81
N LYS B 60 -11.02 5.70 40.25
CA LYS B 60 -11.48 4.41 39.75
C LYS B 60 -12.60 4.55 38.74
N ARG B 61 -12.42 5.41 37.74
CA ARG B 61 -13.45 5.56 36.72
C ARG B 61 -12.93 4.82 35.51
N HIS B 62 -13.83 4.14 34.79
CA HIS B 62 -13.47 3.40 33.61
C HIS B 62 -13.10 4.38 32.49
N VAL B 63 -12.24 3.96 31.57
CA VAL B 63 -11.79 4.82 30.49
C VAL B 63 -11.80 4.11 29.16
N LEU B 64 -12.25 4.82 28.13
CA LEU B 64 -12.30 4.28 26.77
C LEU B 64 -11.35 5.10 25.91
N LEU B 65 -10.33 4.45 25.37
CA LEU B 65 -9.35 5.14 24.53
C LEU B 65 -9.57 4.74 23.07
N ILE B 66 -9.83 5.73 22.24
CA ILE B 66 -10.06 5.48 20.81
C ILE B 66 -8.98 6.13 19.97
N GLY B 67 -8.28 5.30 19.20
CA GLY B 67 -7.23 5.80 18.34
C GLY B 67 -6.59 4.69 17.53
N GLU B 68 -5.72 5.10 16.62
CA GLU B 68 -5.01 4.15 15.76
C GLU B 68 -4.06 3.26 16.55
N PRO B 69 -3.69 2.10 15.99
CA PRO B 69 -2.77 1.21 16.71
C PRO B 69 -1.44 1.90 16.92
N GLY B 70 -0.77 1.54 18.00
CA GLY B 70 0.51 2.15 18.29
C GLY B 70 0.46 3.65 18.57
N THR B 71 -0.51 4.09 19.36
CA THR B 71 -0.60 5.51 19.71
C THR B 71 -0.48 5.65 21.21
N GLY B 72 -0.21 4.54 21.88
CA GLY B 72 -0.02 4.56 23.33
C GLY B 72 -1.18 4.19 24.22
N LYS B 73 -2.19 3.54 23.67
CA LYS B 73 -3.35 3.16 24.46
C LYS B 73 -2.95 2.20 25.59
N SER B 74 -2.27 1.11 25.25
CA SER B 74 -1.82 0.16 26.26
C SER B 74 -0.91 0.83 27.28
N MET B 75 -0.10 1.76 26.81
CA MET B 75 0.83 2.48 27.66
C MET B 75 0.10 3.28 28.73
N LEU B 76 -0.98 3.94 28.32
CA LEU B 76 -1.78 4.74 29.25
C LEU B 76 -2.47 3.82 30.27
N GLY B 77 -2.85 2.61 29.83
CA GLY B 77 -3.49 1.67 30.73
C GLY B 77 -2.52 1.20 31.82
N GLN B 78 -1.28 0.94 31.41
CA GLN B 78 -0.26 0.49 32.36
C GLN B 78 0.04 1.66 33.29
N ALA B 79 0.12 2.85 32.72
CA ALA B 79 0.39 4.04 33.49
C ALA B 79 -0.69 4.23 34.55
N MET B 80 -1.94 3.91 34.20
CA MET B 80 -3.02 4.07 35.17
C MET B 80 -2.88 3.08 36.32
N ALA B 81 -2.41 1.87 36.02
CA ALA B 81 -2.22 0.86 37.05
C ALA B 81 -1.24 1.39 38.11
N GLU B 82 -0.18 2.04 37.65
CA GLU B 82 0.83 2.59 38.53
C GLU B 82 0.31 3.67 39.47
N LEU B 83 -0.74 4.37 39.04
CA LEU B 83 -1.31 5.44 39.85
C LEU B 83 -2.33 4.92 40.86
N LEU B 84 -2.45 3.61 40.94
CA LEU B 84 -3.39 2.96 41.85
C LEU B 84 -2.74 2.53 43.18
N PRO B 85 -3.51 2.53 44.27
CA PRO B 85 -3.04 2.14 45.60
C PRO B 85 -2.46 0.71 45.60
N THR B 86 -1.39 0.51 46.37
CA THR B 86 -0.75 -0.80 46.45
C THR B 86 -0.83 -1.42 47.84
N GLU B 87 -0.88 -0.59 48.87
CA GLU B 87 -0.93 -1.06 50.25
C GLU B 87 -2.19 -1.87 50.59
N THR B 88 -3.22 -1.75 49.77
CA THR B 88 -4.48 -2.43 50.05
C THR B 88 -4.82 -3.64 49.17
N LEU B 89 -3.85 -4.18 48.44
CA LEU B 89 -4.12 -5.33 47.58
C LEU B 89 -4.65 -6.51 48.39
N GLU B 90 -5.30 -7.46 47.71
CA GLU B 90 -5.87 -8.63 48.39
C GLU B 90 -5.54 -9.93 47.66
N ASP B 91 -5.58 -11.04 48.40
CA ASP B 91 -5.36 -12.35 47.82
C ASP B 91 -6.74 -13.00 47.75
N ILE B 92 -6.93 -13.89 46.79
CA ILE B 92 -8.21 -14.56 46.64
C ILE B 92 -8.00 -16.04 46.80
N LEU B 93 -8.77 -16.62 47.71
CA LEU B 93 -8.69 -18.04 48.01
C LEU B 93 -10.03 -18.70 47.70
N VAL B 94 -9.96 -19.95 47.24
CA VAL B 94 -11.18 -20.71 46.96
C VAL B 94 -11.17 -21.90 47.92
N PHE B 95 -12.26 -22.09 48.64
CA PHE B 95 -12.40 -23.17 49.61
C PHE B 95 -13.40 -24.22 49.21
N PRO B 96 -13.22 -25.45 49.71
CA PRO B 96 -14.20 -26.47 49.35
C PRO B 96 -15.51 -26.11 50.06
N ASN B 97 -16.63 -26.49 49.47
CA ASN B 97 -17.92 -26.20 50.07
C ASN B 97 -18.60 -27.53 50.46
N PRO B 98 -18.43 -27.95 51.73
CA PRO B 98 -18.98 -29.18 52.30
C PRO B 98 -20.46 -29.42 52.04
N GLU B 99 -21.25 -28.35 52.08
CA GLU B 99 -22.68 -28.47 51.85
C GLU B 99 -22.96 -28.76 50.39
N ASP B 100 -22.28 -28.05 49.49
CA ASP B 100 -22.46 -28.21 48.06
C ASP B 100 -21.14 -28.09 47.30
N GLU B 101 -20.55 -29.24 47.01
CA GLU B 101 -19.27 -29.32 46.29
C GLU B 101 -19.24 -28.42 45.05
N ASN B 102 -20.35 -28.39 44.31
CA ASN B 102 -20.41 -27.60 43.09
C ASN B 102 -20.46 -26.09 43.22
N MET B 103 -20.39 -25.59 44.44
CA MET B 103 -20.38 -24.14 44.65
C MET B 103 -19.24 -23.76 45.59
N PRO B 104 -17.98 -23.93 45.14
CA PRO B 104 -16.83 -23.59 45.98
C PRO B 104 -17.00 -22.20 46.59
N ARG B 105 -16.49 -22.04 47.81
CA ARG B 105 -16.60 -20.77 48.53
C ARG B 105 -15.39 -19.88 48.28
N ILE B 106 -15.60 -18.57 48.34
CA ILE B 106 -14.52 -17.64 48.08
C ILE B 106 -14.22 -16.72 49.25
N LYS B 107 -12.94 -16.56 49.54
CA LYS B 107 -12.52 -15.70 50.62
C LYS B 107 -11.41 -14.77 50.13
N THR B 108 -11.50 -13.50 50.51
CA THR B 108 -10.48 -12.54 50.14
C THR B 108 -9.82 -12.02 51.42
N VAL B 109 -8.50 -11.88 51.38
CA VAL B 109 -7.74 -11.41 52.54
C VAL B 109 -6.62 -10.48 52.08
N PRO B 110 -6.04 -9.70 53.01
CA PRO B 110 -4.95 -8.79 52.64
C PRO B 110 -3.81 -9.58 52.01
N ALA B 111 -3.15 -8.99 51.01
CA ALA B 111 -2.05 -9.64 50.31
C ALA B 111 -1.01 -10.26 51.26
N CYS B 112 -0.40 -11.36 50.81
CA CYS B 112 0.60 -12.11 51.57
C CYS B 112 -0.02 -13.06 52.59
N GLN B 113 -1.19 -12.69 53.06
CA GLN B 113 -1.92 -13.50 54.02
C GLN B 113 -2.42 -14.78 53.34
N GLY B 114 -2.52 -14.73 52.01
CA GLY B 114 -2.98 -15.90 51.27
C GLY B 114 -2.01 -17.06 51.36
N ARG B 115 -0.73 -16.78 51.10
CA ARG B 115 0.31 -17.80 51.14
C ARG B 115 0.31 -18.54 52.49
N ARG B 116 0.21 -17.78 53.58
CA ARG B 116 0.21 -18.37 54.89
C ARG B 116 -1.00 -19.25 55.17
N ILE B 117 -2.20 -18.71 54.94
CA ILE B 117 -3.41 -19.49 55.17
C ILE B 117 -3.35 -20.83 54.47
N VAL B 118 -2.71 -20.87 53.30
CA VAL B 118 -2.61 -22.11 52.56
C VAL B 118 -1.74 -23.14 53.26
N GLU B 119 -0.64 -22.70 53.85
CA GLU B 119 0.26 -23.63 54.55
C GLU B 119 -0.35 -24.11 55.85
N LYS B 120 -1.08 -23.24 56.54
CA LYS B 120 -1.73 -23.63 57.78
C LYS B 120 -2.41 -24.95 57.49
N TYR B 121 -3.34 -24.91 56.55
CA TYR B 121 -4.07 -26.11 56.16
C TYR B 121 -3.14 -27.18 55.67
N ARG B 122 -2.10 -26.77 54.93
CA ARG B 122 -1.13 -27.71 54.38
C ARG B 122 -0.39 -28.49 55.48
N GLU B 123 -0.24 -27.86 56.66
CA GLU B 123 0.43 -28.51 57.78
C GLU B 123 -0.50 -29.61 58.30
N LYS B 124 -1.78 -29.28 58.41
CA LYS B 124 -2.78 -30.22 58.88
C LYS B 124 -2.81 -31.44 57.97
N ALA B 125 -2.47 -31.22 56.70
CA ALA B 125 -2.44 -32.33 55.76
C ALA B 125 -1.51 -33.36 56.37
N LYS B 126 -0.37 -32.88 56.86
CA LYS B 126 0.63 -33.73 57.50
C LYS B 126 0.02 -34.39 58.73
N SER B 127 -0.65 -33.58 59.56
CA SER B 127 -1.29 -34.09 60.77
C SER B 127 -2.53 -34.91 60.43
N GLN B 128 -2.38 -35.86 59.51
CA GLN B 128 -3.48 -36.72 59.10
C GLN B 128 -2.96 -38.02 58.51
N THR B 141 -8.14 -36.06 53.99
CA THR B 141 -9.31 -35.57 54.72
C THR B 141 -9.24 -34.05 54.87
N VAL B 142 -8.05 -33.52 55.10
CA VAL B 142 -7.93 -32.08 55.24
C VAL B 142 -7.72 -31.51 53.83
N LEU B 143 -8.70 -30.73 53.38
CA LEU B 143 -8.63 -30.13 52.05
C LEU B 143 -8.04 -28.73 52.13
N VAL B 144 -6.89 -28.54 51.50
CA VAL B 144 -6.24 -27.25 51.49
C VAL B 144 -6.94 -26.32 50.50
N PRO B 145 -7.22 -25.07 50.91
CA PRO B 145 -7.87 -24.14 49.98
C PRO B 145 -6.87 -23.75 48.90
N LYS B 146 -7.36 -23.36 47.73
CA LYS B 146 -6.48 -22.99 46.63
C LYS B 146 -6.32 -21.48 46.53
N LEU B 147 -5.10 -21.04 46.31
CA LEU B 147 -4.80 -19.62 46.17
C LEU B 147 -4.94 -19.25 44.69
N LEU B 148 -6.08 -18.64 44.35
CA LEU B 148 -6.38 -18.24 42.97
C LEU B 148 -5.54 -17.03 42.53
N VAL B 149 -5.63 -15.95 43.28
CA VAL B 149 -4.87 -14.76 42.95
C VAL B 149 -4.00 -14.39 44.15
N ASP B 150 -2.70 -14.36 43.93
CA ASP B 150 -1.73 -14.03 44.96
C ASP B 150 -0.99 -12.73 44.62
N ASN B 151 -1.28 -11.66 45.36
CA ASN B 151 -0.62 -10.38 45.12
C ASN B 151 0.48 -10.08 46.13
N CYS B 152 0.88 -11.10 46.87
CA CYS B 152 1.94 -10.90 47.87
C CYS B 152 3.25 -10.51 47.21
N GLY B 153 3.81 -9.39 47.65
CA GLY B 153 5.08 -8.95 47.10
C GLY B 153 4.96 -7.98 45.93
N ARG B 154 3.74 -7.61 45.59
CA ARG B 154 3.53 -6.67 44.49
C ARG B 154 3.77 -5.24 44.96
N THR B 155 4.49 -4.48 44.14
CA THR B 155 4.79 -3.09 44.48
C THR B 155 3.84 -2.15 43.74
N LYS B 156 3.14 -2.69 42.75
CA LYS B 156 2.19 -1.90 41.96
C LYS B 156 0.86 -2.66 41.84
N ALA B 157 -0.23 -1.92 41.70
CA ALA B 157 -1.53 -2.55 41.52
C ALA B 157 -1.43 -3.32 40.21
N PRO B 158 -2.14 -4.44 40.08
CA PRO B 158 -2.13 -5.27 38.87
C PRO B 158 -2.56 -4.62 37.56
N PHE B 159 -1.85 -4.95 36.48
CA PHE B 159 -2.22 -4.49 35.15
C PHE B 159 -2.42 -5.78 34.37
N ILE B 160 -3.65 -6.05 33.96
CA ILE B 160 -3.93 -7.28 33.21
C ILE B 160 -4.42 -6.96 31.81
N ASP B 161 -3.64 -7.34 30.80
CA ASP B 161 -4.03 -7.08 29.41
C ASP B 161 -4.87 -8.26 28.94
N ALA B 162 -6.17 -8.04 28.82
CA ALA B 162 -7.08 -9.10 28.39
C ALA B 162 -7.43 -9.01 26.91
N THR B 163 -6.67 -8.24 26.14
CA THR B 163 -6.92 -8.08 24.71
C THR B 163 -6.97 -9.47 24.04
N GLY B 164 -8.03 -9.72 23.28
CA GLY B 164 -8.17 -11.00 22.59
C GLY B 164 -8.37 -12.26 23.41
N ALA B 165 -8.51 -12.15 24.73
CA ALA B 165 -8.67 -13.36 25.54
C ALA B 165 -9.93 -14.16 25.21
N HIS B 166 -9.87 -15.47 25.40
CA HIS B 166 -11.04 -16.31 25.18
C HIS B 166 -11.86 -16.29 26.48
N ALA B 167 -13.11 -16.74 26.42
CA ALA B 167 -14.00 -16.72 27.60
C ALA B 167 -13.39 -17.22 28.90
N GLY B 168 -12.86 -18.44 28.89
CA GLY B 168 -12.24 -18.99 30.10
C GLY B 168 -11.10 -18.16 30.67
N ALA B 169 -10.32 -17.50 29.81
CA ALA B 169 -9.20 -16.70 30.29
C ALA B 169 -9.69 -15.40 30.89
N LEU B 170 -10.67 -14.76 30.24
CA LEU B 170 -11.18 -13.50 30.74
C LEU B 170 -12.09 -13.67 31.98
N LEU B 171 -13.00 -14.62 31.93
CA LEU B 171 -13.97 -14.81 33.00
C LEU B 171 -13.71 -15.90 34.03
N GLY B 172 -12.70 -16.73 33.80
CA GLY B 172 -12.41 -17.81 34.74
C GLY B 172 -12.94 -19.12 34.18
N ASP B 173 -12.44 -20.23 34.70
CA ASP B 173 -12.87 -21.54 34.20
C ASP B 173 -12.75 -22.57 35.32
N VAL B 174 -13.28 -23.77 35.06
CA VAL B 174 -13.19 -24.88 35.99
C VAL B 174 -12.74 -26.08 35.15
N ARG B 175 -11.57 -26.62 35.49
CA ARG B 175 -11.03 -27.75 34.74
C ARG B 175 -11.96 -28.93 34.73
N HIS B 176 -11.94 -29.66 33.62
CA HIS B 176 -12.78 -30.84 33.46
C HIS B 176 -12.19 -31.97 34.32
N ASP B 177 -13.06 -32.85 34.81
CA ASP B 177 -12.63 -33.98 35.64
C ASP B 177 -13.29 -35.24 35.07
N PRO B 178 -12.48 -36.16 34.52
CA PRO B 178 -13.02 -37.40 33.96
C PRO B 178 -13.73 -38.22 35.04
N PHE B 179 -13.31 -38.04 36.28
CA PHE B 179 -13.87 -38.75 37.43
C PHE B 179 -14.84 -37.87 38.21
N GLY B 185 -11.47 -38.73 41.46
CA GLY B 185 -11.87 -37.40 41.04
C GLY B 185 -11.16 -36.30 41.83
N THR B 186 -11.02 -35.13 41.23
CA THR B 186 -10.36 -34.00 41.89
C THR B 186 -11.38 -33.02 42.47
N PRO B 187 -11.15 -32.53 43.70
CA PRO B 187 -12.05 -31.58 44.35
C PRO B 187 -12.35 -30.36 43.48
N ALA B 188 -13.63 -30.05 43.33
CA ALA B 188 -14.05 -28.91 42.50
C ALA B 188 -13.30 -27.61 42.79
N HIS B 189 -13.11 -27.27 44.07
CA HIS B 189 -12.42 -26.02 44.39
C HIS B 189 -11.01 -25.98 43.81
N GLU B 190 -10.34 -27.13 43.78
CA GLU B 190 -8.99 -27.21 43.25
C GLU B 190 -8.93 -27.06 41.72
N ARG B 191 -10.07 -27.21 41.07
CA ARG B 191 -10.15 -27.12 39.62
C ARG B 191 -10.56 -25.73 39.13
N VAL B 192 -10.81 -24.82 40.06
CA VAL B 192 -11.22 -23.47 39.73
C VAL B 192 -10.01 -22.65 39.28
N GLU B 193 -10.17 -21.91 38.19
CA GLU B 193 -9.10 -21.06 37.66
C GLU B 193 -9.60 -19.63 37.54
N PRO B 194 -8.82 -18.68 38.03
CA PRO B 194 -9.21 -17.27 37.99
C PRO B 194 -9.25 -16.70 36.56
N GLY B 195 -10.09 -15.72 36.36
CA GLY B 195 -10.17 -15.07 35.06
C GLY B 195 -9.34 -13.81 35.19
N MET B 196 -9.09 -13.15 34.06
CA MET B 196 -8.31 -11.92 34.10
C MET B 196 -9.05 -10.84 34.90
N ILE B 197 -10.38 -10.89 34.89
CA ILE B 197 -11.14 -9.90 35.64
C ILE B 197 -10.81 -10.06 37.14
N HIS B 198 -10.58 -11.29 37.57
CA HIS B 198 -10.23 -11.59 38.95
C HIS B 198 -8.77 -11.20 39.25
N ARG B 199 -7.86 -11.51 38.34
CA ARG B 199 -6.47 -11.12 38.54
C ARG B 199 -6.37 -9.60 38.60
N ALA B 200 -7.33 -8.93 37.96
CA ALA B 200 -7.35 -7.47 37.92
C ALA B 200 -8.10 -6.84 39.09
N HIS B 201 -8.47 -7.65 40.07
CA HIS B 201 -9.19 -7.12 41.24
C HIS B 201 -8.29 -6.07 41.92
N LYS B 202 -8.82 -4.86 42.07
CA LYS B 202 -8.10 -3.74 42.66
C LYS B 202 -6.96 -3.27 41.75
N GLY B 203 -7.05 -3.58 40.47
CA GLY B 203 -6.05 -3.17 39.51
C GLY B 203 -6.69 -2.63 38.25
N VAL B 204 -6.01 -2.81 37.12
CA VAL B 204 -6.50 -2.35 35.82
C VAL B 204 -6.66 -3.53 34.88
N LEU B 205 -7.80 -3.57 34.22
CA LEU B 205 -8.08 -4.61 33.23
C LEU B 205 -8.05 -3.83 31.91
N PHE B 206 -7.11 -4.17 31.04
CA PHE B 206 -7.00 -3.46 29.76
C PHE B 206 -7.49 -4.34 28.60
N ILE B 207 -8.39 -3.81 27.80
CA ILE B 207 -8.90 -4.56 26.66
C ILE B 207 -8.94 -3.74 25.37
N ASP B 208 -7.97 -3.96 24.49
CA ASP B 208 -7.98 -3.25 23.21
C ASP B 208 -8.93 -4.04 22.32
N GLU B 209 -9.43 -3.41 21.25
CA GLU B 209 -10.35 -4.06 20.33
C GLU B 209 -11.50 -4.73 21.08
N ILE B 210 -11.96 -4.07 22.14
CA ILE B 210 -13.03 -4.61 22.97
C ILE B 210 -14.29 -5.01 22.20
N ALA B 211 -14.60 -4.30 21.12
CA ALA B 211 -15.79 -4.61 20.33
C ALA B 211 -15.68 -5.89 19.48
N THR B 212 -14.52 -6.53 19.50
CA THR B 212 -14.35 -7.77 18.73
C THR B 212 -14.50 -8.99 19.64
N LEU B 213 -14.80 -8.73 20.91
CA LEU B 213 -15.05 -9.80 21.88
C LEU B 213 -16.49 -10.20 21.55
N SER B 214 -16.84 -11.47 21.76
CA SER B 214 -18.21 -11.89 21.48
C SER B 214 -19.16 -11.02 22.32
N LEU B 215 -20.35 -10.75 21.79
CA LEU B 215 -21.34 -9.94 22.50
C LEU B 215 -21.66 -10.57 23.85
N LYS B 216 -21.51 -11.88 23.94
CA LYS B 216 -21.79 -12.58 25.17
C LYS B 216 -20.70 -12.29 26.22
N MET B 217 -19.43 -12.28 25.81
CA MET B 217 -18.36 -11.98 26.75
C MET B 217 -18.44 -10.53 27.19
N GLN B 218 -18.91 -9.66 26.31
CA GLN B 218 -19.06 -8.25 26.63
C GLN B 218 -20.13 -8.11 27.71
N GLN B 219 -21.15 -8.96 27.61
CA GLN B 219 -22.25 -8.96 28.55
C GLN B 219 -21.73 -9.37 29.92
N SER B 220 -20.94 -10.43 29.96
CA SER B 220 -20.39 -10.90 31.21
C SER B 220 -19.47 -9.83 31.78
N LEU B 221 -18.75 -9.13 30.91
CA LEU B 221 -17.86 -8.07 31.36
C LEU B 221 -18.71 -6.98 32.04
N LEU B 222 -19.83 -6.64 31.41
CA LEU B 222 -20.73 -5.63 31.96
C LEU B 222 -21.15 -6.02 33.37
N THR B 223 -21.63 -7.25 33.52
CA THR B 223 -22.09 -7.78 34.81
C THR B 223 -20.95 -7.72 35.84
N ALA B 224 -19.76 -8.13 35.41
CA ALA B 224 -18.60 -8.10 36.29
C ALA B 224 -18.38 -6.65 36.76
N MET B 225 -18.61 -5.69 35.88
CA MET B 225 -18.43 -4.28 36.22
C MET B 225 -19.52 -3.80 37.18
N GLN B 226 -20.76 -4.14 36.88
CA GLN B 226 -21.89 -3.74 37.70
C GLN B 226 -21.80 -4.28 39.13
N GLU B 227 -21.56 -5.58 39.26
CA GLU B 227 -21.48 -6.22 40.57
C GLU B 227 -20.13 -6.16 41.27
N LYS B 228 -19.06 -6.00 40.50
CA LYS B 228 -17.71 -5.97 41.05
C LYS B 228 -17.33 -7.36 41.57
N LYS B 229 -18.14 -8.33 41.21
CA LYS B 229 -17.93 -9.73 41.58
C LYS B 229 -18.48 -10.54 40.42
N PHE B 230 -17.91 -11.72 40.18
CA PHE B 230 -18.38 -12.56 39.07
C PHE B 230 -18.06 -14.01 39.40
N PRO B 231 -19.09 -14.88 39.42
CA PRO B 231 -18.85 -16.30 39.73
C PRO B 231 -18.02 -16.99 38.66
N ILE B 232 -17.15 -17.92 39.07
CA ILE B 232 -16.33 -18.67 38.11
C ILE B 232 -17.06 -19.98 37.83
N THR B 233 -17.13 -20.36 36.55
CA THR B 233 -17.78 -21.60 36.16
C THR B 233 -17.15 -22.21 34.91
N GLY B 234 -17.46 -23.48 34.64
CA GLY B 234 -16.93 -24.13 33.46
C GLY B 234 -17.47 -23.44 32.22
N GLN B 235 -16.59 -23.09 31.29
CA GLN B 235 -17.03 -22.40 30.07
C GLN B 235 -17.53 -23.35 28.99
N SER B 236 -16.91 -24.51 28.87
CA SER B 236 -17.33 -25.46 27.84
C SER B 236 -18.34 -26.48 28.35
N GLU B 237 -19.46 -26.60 27.63
CA GLU B 237 -20.51 -27.54 28.00
C GLU B 237 -20.11 -28.99 27.76
N MET B 238 -18.94 -29.18 27.15
CA MET B 238 -18.41 -30.52 26.88
C MET B 238 -17.65 -30.96 28.14
N SER B 239 -17.43 -30.02 29.05
CA SER B 239 -16.67 -30.26 30.28
C SER B 239 -17.53 -30.40 31.53
N SER B 240 -17.06 -31.22 32.47
CA SER B 240 -17.76 -31.41 33.73
C SER B 240 -17.61 -30.14 34.57
N GLY B 241 -16.68 -29.26 34.16
CA GLY B 241 -16.47 -28.02 34.88
C GLY B 241 -17.71 -27.14 34.80
N ALA B 242 -18.55 -27.37 33.79
CA ALA B 242 -19.77 -26.62 33.59
C ALA B 242 -20.82 -26.82 34.68
N MET B 243 -20.67 -27.87 35.48
CA MET B 243 -21.63 -28.13 36.56
C MET B 243 -21.18 -27.44 37.85
N VAL B 244 -20.05 -26.74 37.77
CA VAL B 244 -19.51 -26.05 38.92
C VAL B 244 -19.63 -24.55 38.74
N ARG B 245 -20.08 -23.86 39.78
CA ARG B 245 -20.23 -22.42 39.77
C ARG B 245 -19.92 -21.93 41.18
N THR B 246 -18.79 -21.23 41.33
CA THR B 246 -18.36 -20.72 42.64
C THR B 246 -19.20 -19.54 43.11
N GLU B 247 -18.91 -19.10 44.33
CA GLU B 247 -19.58 -17.92 44.88
C GLU B 247 -19.00 -16.77 44.06
N PRO B 248 -19.75 -15.67 43.89
CA PRO B 248 -19.18 -14.58 43.12
C PRO B 248 -17.76 -14.26 43.62
N VAL B 249 -16.81 -14.14 42.69
CA VAL B 249 -15.43 -13.83 43.05
C VAL B 249 -15.18 -12.34 42.78
N PRO B 250 -14.56 -11.63 43.74
CA PRO B 250 -14.29 -10.20 43.55
C PRO B 250 -13.47 -9.87 42.29
N CYS B 251 -13.89 -8.83 41.59
CA CYS B 251 -13.22 -8.38 40.39
C CYS B 251 -13.42 -6.86 40.28
N ASP B 252 -12.97 -6.15 41.31
CA ASP B 252 -13.11 -4.70 41.35
C ASP B 252 -11.98 -4.06 40.55
N PHE B 253 -12.08 -4.16 39.24
CA PHE B 253 -11.06 -3.60 38.35
C PHE B 253 -11.51 -2.28 37.75
N VAL B 254 -10.54 -1.52 37.27
CA VAL B 254 -10.84 -0.30 36.56
C VAL B 254 -10.62 -0.77 35.13
N LEU B 255 -11.60 -0.54 34.27
CA LEU B 255 -11.49 -0.95 32.87
C LEU B 255 -10.92 0.16 32.01
N VAL B 256 -9.91 -0.18 31.23
CA VAL B 256 -9.36 0.77 30.26
C VAL B 256 -9.60 0.02 28.97
N ALA B 257 -10.65 0.41 28.26
CA ALA B 257 -10.99 -0.24 27.01
C ALA B 257 -10.42 0.57 25.87
N ALA B 258 -10.07 -0.08 24.78
CA ALA B 258 -9.50 0.62 23.63
C ALA B 258 -10.08 0.13 22.31
N GLY B 259 -10.01 0.98 21.29
CA GLY B 259 -10.51 0.62 19.97
C GLY B 259 -10.23 1.73 18.97
N ASN B 260 -10.84 1.62 17.78
CA ASN B 260 -10.69 2.63 16.75
C ASN B 260 -12.05 3.29 16.54
N LEU B 261 -12.13 4.23 15.61
CA LEU B 261 -13.38 4.94 15.37
C LEU B 261 -14.64 4.09 15.08
N ASP B 262 -14.48 2.78 14.90
CA ASP B 262 -15.64 1.91 14.62
C ASP B 262 -16.08 1.09 15.83
N THR B 263 -15.26 1.08 16.87
CA THR B 263 -15.56 0.32 18.07
C THR B 263 -16.88 0.63 18.79
N VAL B 264 -17.12 1.88 19.15
CA VAL B 264 -18.36 2.20 19.89
C VAL B 264 -19.65 1.75 19.19
N ASP B 265 -19.71 1.85 17.87
CA ASP B 265 -20.90 1.44 17.16
C ASP B 265 -21.06 -0.09 17.13
N LYS B 266 -19.95 -0.81 17.25
CA LYS B 266 -20.02 -2.28 17.21
C LYS B 266 -20.12 -3.03 18.53
N MET B 267 -19.81 -2.38 19.65
CA MET B 267 -19.87 -3.11 20.92
C MET B 267 -21.25 -3.27 21.56
N HIS B 268 -21.37 -4.28 22.40
CA HIS B 268 -22.62 -4.59 23.10
C HIS B 268 -23.22 -3.29 23.65
N PRO B 269 -24.45 -2.96 23.23
CA PRO B 269 -25.13 -1.74 23.68
C PRO B 269 -25.11 -1.45 25.18
N ALA B 270 -25.36 -2.47 26.00
CA ALA B 270 -25.36 -2.26 27.43
C ALA B 270 -23.95 -1.89 27.91
N LEU B 271 -22.92 -2.50 27.31
CA LEU B 271 -21.54 -2.21 27.67
C LEU B 271 -21.22 -0.79 27.24
N ARG B 272 -21.66 -0.44 26.04
CA ARG B 272 -21.42 0.89 25.47
C ARG B 272 -22.03 2.01 26.31
N SER B 273 -23.29 1.85 26.71
CA SER B 273 -23.95 2.88 27.52
C SER B 273 -23.24 3.08 28.84
N ARG B 274 -22.82 1.98 29.46
CA ARG B 274 -22.14 2.05 30.74
C ARG B 274 -20.87 2.88 30.63
N ILE B 275 -20.05 2.58 29.63
CA ILE B 275 -18.81 3.29 29.45
C ILE B 275 -19.04 4.73 29.03
N ARG B 276 -19.88 4.94 28.02
CA ARG B 276 -20.18 6.29 27.54
C ARG B 276 -20.83 7.12 28.63
N GLY B 277 -21.67 6.48 29.44
CA GLY B 277 -22.36 7.18 30.49
C GLY B 277 -21.61 7.43 31.80
N TYR B 278 -20.78 6.50 32.23
CA TYR B 278 -20.09 6.69 33.50
C TYR B 278 -18.56 6.72 33.54
N GLY B 279 -17.93 6.65 32.37
CA GLY B 279 -16.48 6.70 32.33
C GLY B 279 -16.03 7.90 31.52
N TYR B 280 -14.75 7.92 31.15
CA TYR B 280 -14.21 8.99 30.33
C TYR B 280 -13.95 8.42 28.94
N GLU B 281 -14.12 9.24 27.91
CA GLU B 281 -13.87 8.81 26.55
C GLU B 281 -12.76 9.70 26.05
N VAL B 282 -11.78 9.12 25.38
CA VAL B 282 -10.67 9.91 24.88
C VAL B 282 -10.28 9.57 23.46
N TYR B 283 -10.25 10.58 22.59
CA TYR B 283 -9.82 10.35 21.22
C TYR B 283 -8.33 10.65 21.20
N MET B 284 -7.52 9.64 20.88
CA MET B 284 -6.07 9.79 20.82
C MET B 284 -5.65 10.77 19.72
N ARG B 285 -4.95 11.82 20.10
CA ARG B 285 -4.49 12.81 19.12
C ARG B 285 -3.51 12.20 18.12
N THR B 286 -3.38 12.87 16.99
CA THR B 286 -2.50 12.39 15.94
C THR B 286 -1.27 13.30 15.72
N THR B 287 -1.20 14.41 16.43
CA THR B 287 -0.06 15.31 16.34
C THR B 287 0.05 16.05 17.68
N MET B 288 1.13 16.79 17.87
CA MET B 288 1.31 17.56 19.08
C MET B 288 2.06 18.84 18.74
N PRO B 289 1.86 19.91 19.52
CA PRO B 289 2.55 21.17 19.22
C PRO B 289 4.07 20.98 19.15
N ASP B 290 4.70 21.75 18.27
CA ASP B 290 6.15 21.67 18.09
C ASP B 290 6.88 22.61 19.03
N THR B 291 7.14 22.13 20.25
CA THR B 291 7.82 22.94 21.25
C THR B 291 9.11 22.24 21.67
N ILE B 292 9.94 22.95 22.42
CA ILE B 292 11.20 22.39 22.89
C ILE B 292 10.91 21.19 23.79
N GLU B 293 9.92 21.34 24.67
CA GLU B 293 9.56 20.27 25.60
C GLU B 293 9.11 19.02 24.88
N ASN B 294 8.35 19.19 23.80
CA ASN B 294 7.87 18.04 23.05
C ASN B 294 9.02 17.38 22.27
N ARG B 295 9.90 18.19 21.69
CA ARG B 295 11.03 17.65 20.96
C ARG B 295 11.86 16.79 21.92
N ARG B 296 11.98 17.29 23.15
CA ARG B 296 12.73 16.59 24.16
C ARG B 296 12.10 15.22 24.40
N LYS B 297 10.78 15.17 24.32
CA LYS B 297 10.05 13.92 24.50
C LYS B 297 10.39 12.97 23.36
N LEU B 298 10.58 13.54 22.17
CA LEU B 298 10.96 12.75 21.00
C LEU B 298 12.36 12.16 21.21
N VAL B 299 13.21 12.84 21.96
CA VAL B 299 14.55 12.32 22.26
C VAL B 299 14.36 11.11 23.17
N GLN B 300 13.54 11.33 24.20
CA GLN B 300 13.24 10.28 25.15
C GLN B 300 12.67 9.10 24.37
N PHE B 301 11.80 9.43 23.42
CA PHE B 301 11.15 8.41 22.63
C PHE B 301 12.19 7.55 21.89
N VAL B 302 13.09 8.21 21.17
CA VAL B 302 14.12 7.47 20.43
C VAL B 302 14.85 6.58 21.43
N ALA B 303 15.24 7.16 22.57
CA ALA B 303 15.93 6.40 23.62
C ALA B 303 15.16 5.15 24.02
N GLN B 304 13.88 5.30 24.30
CA GLN B 304 13.08 4.16 24.71
C GLN B 304 12.99 3.10 23.60
N GLU B 305 12.77 3.55 22.36
CA GLU B 305 12.66 2.61 21.25
C GLU B 305 13.90 1.76 21.05
N VAL B 306 15.09 2.35 21.17
CA VAL B 306 16.33 1.58 21.00
C VAL B 306 16.41 0.52 22.11
N LYS B 307 16.12 0.96 23.33
CA LYS B 307 16.16 0.11 24.50
C LYS B 307 15.23 -1.10 24.37
N ARG B 308 13.94 -0.86 24.11
CA ARG B 308 13.04 -2.00 24.01
C ARG B 308 13.18 -2.84 22.76
N ASP B 309 13.78 -2.30 21.70
CA ASP B 309 13.97 -3.09 20.48
C ASP B 309 15.10 -4.08 20.73
N GLY B 310 16.16 -3.57 21.36
CA GLY B 310 17.32 -4.39 21.70
C GLY B 310 18.15 -4.93 20.56
N LYS B 311 17.90 -4.51 19.32
CA LYS B 311 18.66 -5.04 18.18
C LYS B 311 19.38 -3.95 17.39
N ILE B 312 19.30 -2.72 17.86
CA ILE B 312 19.93 -1.63 17.12
C ILE B 312 20.80 -0.76 18.01
N PRO B 313 21.76 -0.02 17.42
CA PRO B 313 22.64 0.84 18.21
C PRO B 313 21.97 2.14 18.64
N HIS B 314 22.65 2.92 19.49
CA HIS B 314 22.09 4.18 19.90
C HIS B 314 22.20 5.19 18.78
N PHE B 315 21.45 6.28 18.93
CA PHE B 315 21.40 7.37 17.95
C PHE B 315 22.24 8.56 18.39
N THR B 316 23.04 9.12 17.47
CA THR B 316 23.84 10.30 17.80
C THR B 316 22.83 11.41 17.85
N LYS B 317 23.26 12.63 18.18
CA LYS B 317 22.34 13.76 18.25
C LYS B 317 21.75 14.12 16.87
N GLU B 318 22.58 14.21 15.84
CA GLU B 318 22.07 14.56 14.51
C GLU B 318 21.08 13.53 13.95
N ALA B 319 21.20 12.27 14.39
CA ALA B 319 20.29 11.23 13.95
C ALA B 319 18.92 11.53 14.59
N VAL B 320 18.92 11.88 15.87
CA VAL B 320 17.68 12.21 16.56
C VAL B 320 17.05 13.43 15.91
N GLU B 321 17.88 14.38 15.50
CA GLU B 321 17.39 15.60 14.86
C GLU B 321 16.66 15.25 13.56
N GLU B 322 17.18 14.26 12.85
CA GLU B 322 16.61 13.80 11.60
C GLU B 322 15.25 13.15 11.88
N ILE B 323 15.15 12.44 13.01
CA ILE B 323 13.90 11.80 13.40
C ILE B 323 12.87 12.90 13.66
N VAL B 324 13.32 14.01 14.26
CA VAL B 324 12.46 15.16 14.57
C VAL B 324 12.06 15.89 13.29
N ARG B 325 12.97 15.97 12.33
CA ARG B 325 12.68 16.64 11.07
C ARG B 325 11.57 15.84 10.40
N GLU B 326 11.62 14.52 10.57
CA GLU B 326 10.61 13.64 10.02
C GLU B 326 9.29 13.87 10.79
N ALA B 327 9.38 13.95 12.11
CA ALA B 327 8.18 14.18 12.90
C ALA B 327 7.50 15.47 12.40
N GLN B 328 8.30 16.47 12.06
CA GLN B 328 7.78 17.74 11.55
C GLN B 328 7.07 17.56 10.21
N LYS B 329 7.76 16.95 9.24
CA LYS B 329 7.20 16.71 7.92
C LYS B 329 5.95 15.81 7.96
N ARG B 330 5.90 14.91 8.92
CA ARG B 330 4.78 13.99 9.05
C ARG B 330 3.55 14.56 9.73
N ALA B 331 3.71 15.72 10.36
CA ALA B 331 2.60 16.35 11.03
C ALA B 331 1.58 16.79 9.99
N GLY B 332 2.09 17.20 8.82
CA GLY B 332 1.21 17.68 7.76
C GLY B 332 0.40 18.75 8.44
N ARG B 333 1.12 19.61 9.15
CA ARG B 333 0.50 20.66 9.95
C ARG B 333 1.62 21.53 10.55
N LYS B 334 1.77 22.75 10.03
CA LYS B 334 2.80 23.67 10.51
C LYS B 334 2.80 23.83 12.02
N GLY B 335 3.99 23.88 12.61
CA GLY B 335 4.11 24.05 14.06
C GLY B 335 3.75 22.81 14.87
N HIS B 336 3.80 21.64 14.24
CA HIS B 336 3.47 20.40 14.94
C HIS B 336 4.40 19.25 14.63
N LEU B 337 4.33 18.22 15.47
CA LEU B 337 5.13 17.00 15.36
C LEU B 337 4.14 15.82 15.35
N THR B 338 4.40 14.82 14.53
CA THR B 338 3.51 13.64 14.44
C THR B 338 3.45 12.82 15.73
N LEU B 339 2.35 12.10 15.93
CA LEU B 339 2.20 11.25 17.10
C LEU B 339 1.95 9.80 16.73
N ARG B 340 2.17 9.46 15.47
CA ARG B 340 2.03 8.07 15.04
C ARG B 340 3.39 7.53 15.36
N LEU B 341 3.64 7.35 16.65
CA LEU B 341 4.93 6.90 17.10
C LEU B 341 5.26 5.48 16.70
N ARG B 342 4.26 4.73 16.24
CA ARG B 342 4.46 3.36 15.77
C ARG B 342 5.24 3.51 14.46
N ASP B 343 4.87 4.52 13.68
CA ASP B 343 5.52 4.81 12.40
C ASP B 343 6.94 5.32 12.64
N LEU B 344 7.07 6.31 13.53
CA LEU B 344 8.38 6.86 13.84
C LEU B 344 9.28 5.75 14.33
N GLY B 345 8.72 4.86 15.16
CA GLY B 345 9.49 3.74 15.68
C GLY B 345 9.91 2.82 14.54
N GLY B 346 9.19 2.89 13.42
CA GLY B 346 9.53 2.06 12.28
C GLY B 346 10.77 2.61 11.61
N ILE B 347 10.85 3.94 11.53
CA ILE B 347 12.00 4.58 10.92
C ILE B 347 13.21 4.37 11.83
N VAL B 348 13.02 4.53 13.14
CA VAL B 348 14.10 4.33 14.09
C VAL B 348 14.73 2.97 13.87
N ARG B 349 13.88 1.93 13.85
CA ARG B 349 14.35 0.58 13.67
C ARG B 349 15.03 0.34 12.33
N ALA B 350 14.48 0.88 11.25
CA ALA B 350 15.07 0.70 9.94
C ALA B 350 16.42 1.41 9.90
N ALA B 351 16.53 2.55 10.57
CA ALA B 351 17.80 3.28 10.62
C ALA B 351 18.79 2.42 11.42
N GLY B 352 18.33 1.84 12.52
CA GLY B 352 19.21 0.99 13.32
C GLY B 352 19.72 -0.18 12.49
N ASP B 353 18.81 -0.85 11.80
CA ASP B 353 19.18 -1.98 10.97
C ASP B 353 20.25 -1.58 9.94
N ILE B 354 20.15 -0.36 9.41
CA ILE B 354 21.12 0.12 8.44
C ILE B 354 22.48 0.31 9.15
N ALA B 355 22.44 0.87 10.36
CA ALA B 355 23.67 1.06 11.13
C ALA B 355 24.35 -0.30 11.35
N VAL B 356 23.56 -1.30 11.74
CA VAL B 356 24.05 -2.65 11.99
C VAL B 356 24.68 -3.31 10.75
N LYS B 357 24.00 -3.16 9.60
CA LYS B 357 24.48 -3.71 8.34
C LYS B 357 25.87 -3.18 7.97
N LYS B 358 26.04 -1.86 8.08
CA LYS B 358 27.32 -1.20 7.78
C LYS B 358 28.38 -1.42 8.88
N GLY B 359 27.95 -1.97 10.01
CA GLY B 359 28.88 -2.22 11.10
C GLY B 359 29.20 -0.97 11.91
N LYS B 360 28.30 0.00 11.89
CA LYS B 360 28.52 1.25 12.62
C LYS B 360 28.23 1.13 14.10
N LYS B 361 28.98 1.87 14.91
CA LYS B 361 28.78 1.83 16.35
C LYS B 361 27.53 2.59 16.78
N TYR B 362 27.17 3.63 16.03
CA TYR B 362 26.00 4.44 16.35
C TYR B 362 25.20 4.79 15.09
N VAL B 363 23.92 5.10 15.26
CA VAL B 363 23.09 5.49 14.13
C VAL B 363 23.37 6.98 13.92
N GLU B 364 23.66 7.35 12.69
CA GLU B 364 23.96 8.74 12.35
C GLU B 364 22.87 9.26 11.43
N ARG B 365 22.89 10.56 11.17
CA ARG B 365 21.88 11.18 10.31
C ARG B 365 21.73 10.47 8.96
N GLU B 366 22.86 10.07 8.38
CA GLU B 366 22.89 9.41 7.09
C GLU B 366 22.05 8.13 7.11
N ASP B 367 22.16 7.39 8.20
CA ASP B 367 21.42 6.15 8.38
C ASP B 367 19.92 6.44 8.41
N VAL B 368 19.52 7.47 9.15
CA VAL B 368 18.10 7.80 9.22
C VAL B 368 17.57 8.20 7.84
N ILE B 369 18.38 8.93 7.07
CA ILE B 369 17.93 9.35 5.75
C ILE B 369 17.69 8.15 4.83
N GLU B 370 18.55 7.15 4.93
CA GLU B 370 18.37 5.96 4.10
C GLU B 370 17.19 5.16 4.62
N ALA B 371 16.99 5.20 5.94
CA ALA B 371 15.88 4.50 6.59
C ALA B 371 14.53 5.04 6.10
N VAL B 372 14.44 6.35 5.95
CA VAL B 372 13.19 6.95 5.50
C VAL B 372 12.83 6.41 4.11
N LYS B 373 13.83 6.34 3.25
CA LYS B 373 13.67 5.84 1.90
C LYS B 373 13.37 4.33 1.89
N MET B 374 14.08 3.57 2.73
CA MET B 374 13.91 2.11 2.77
C MET B 374 12.68 1.59 3.53
N ALA B 375 12.13 2.39 4.45
CA ALA B 375 10.99 1.95 5.21
C ALA B 375 9.79 2.85 5.00
N LYS B 376 9.63 3.38 3.79
CA LYS B 376 8.49 4.24 3.57
C LYS B 376 7.17 3.48 3.52
N PRO B 377 6.08 4.18 3.81
CA PRO B 377 4.74 3.61 3.79
C PRO B 377 4.45 3.09 2.40
N LEU B 378 3.80 1.95 2.33
CA LEU B 378 3.43 1.38 1.05
C LEU B 378 2.73 2.46 0.19
N GLU B 379 2.02 3.37 0.86
CA GLU B 379 1.30 4.45 0.16
C GLU B 379 2.24 5.38 -0.57
N LYS B 380 3.41 5.62 0.00
CA LYS B 380 4.38 6.50 -0.65
C LYS B 380 5.11 5.78 -1.78
N GLN B 381 5.48 4.51 -1.55
CA GLN B 381 6.17 3.74 -2.57
C GLN B 381 5.25 3.70 -3.78
N LEU B 382 3.95 3.60 -3.51
CA LEU B 382 2.95 3.55 -4.56
C LEU B 382 2.92 4.86 -5.32
N ALA B 383 2.90 5.97 -4.59
CA ALA B 383 2.88 7.30 -5.20
C ALA B 383 4.16 7.54 -5.99
N ASP B 384 5.29 7.14 -5.41
CA ASP B 384 6.57 7.33 -6.05
C ASP B 384 6.69 6.50 -7.31
N TRP B 385 6.16 5.28 -7.26
CA TRP B 385 6.19 4.39 -8.40
C TRP B 385 5.41 5.07 -9.53
N TYR B 386 4.22 5.55 -9.19
CA TYR B 386 3.34 6.23 -10.14
C TYR B 386 4.00 7.46 -10.75
N ILE B 387 4.58 8.31 -9.90
CA ILE B 387 5.25 9.52 -10.38
C ILE B 387 6.41 9.17 -11.31
N GLU B 388 7.12 8.10 -10.98
CA GLU B 388 8.25 7.67 -11.77
C GLU B 388 7.80 7.18 -13.15
N ARG B 389 6.71 6.43 -13.20
CA ARG B 389 6.20 5.92 -14.46
C ARG B 389 5.73 7.09 -15.32
N LYS B 390 5.05 8.04 -14.70
CA LYS B 390 4.54 9.18 -15.43
C LYS B 390 5.64 10.12 -15.94
N LYS B 391 6.70 10.28 -15.18
CA LYS B 391 7.79 11.15 -15.62
C LYS B 391 8.39 10.63 -16.92
N GLU B 392 8.38 9.31 -17.07
CA GLU B 392 8.93 8.65 -18.25
C GLU B 392 8.30 9.17 -19.55
N TYR B 393 7.00 9.43 -19.52
CA TYR B 393 6.29 9.90 -20.70
C TYR B 393 5.80 11.33 -20.53
N GLN B 394 6.51 12.10 -19.71
CA GLN B 394 6.10 13.47 -19.46
C GLN B 394 6.79 14.52 -20.32
N VAL B 395 6.00 15.54 -20.62
CA VAL B 395 6.34 16.71 -21.42
C VAL B 395 6.82 17.81 -20.47
N ILE B 396 8.12 17.95 -20.22
CA ILE B 396 8.52 19.00 -19.28
C ILE B 396 9.60 19.97 -19.71
N LYS B 397 9.23 21.25 -19.80
CA LYS B 397 10.16 22.30 -20.16
C LYS B 397 10.56 22.97 -18.85
N THR B 398 11.86 23.22 -18.69
CA THR B 398 12.34 23.84 -17.45
C THR B 398 13.20 25.06 -17.74
N GLU B 399 13.20 25.50 -18.98
CA GLU B 399 13.97 26.68 -19.36
C GLU B 399 13.23 27.40 -20.47
N GLY B 400 13.56 28.66 -20.68
CA GLY B 400 12.90 29.41 -21.73
C GLY B 400 11.53 29.87 -21.24
N SER B 401 10.65 30.12 -22.18
CA SER B 401 9.31 30.57 -21.83
C SER B 401 8.34 30.13 -22.92
N GLU B 402 7.06 30.05 -22.57
CA GLU B 402 6.03 29.60 -23.50
C GLU B 402 4.71 30.31 -23.20
N ILE B 403 3.95 30.59 -24.25
CA ILE B 403 2.65 31.22 -24.07
C ILE B 403 1.63 30.10 -23.78
N GLY B 404 0.83 30.26 -22.74
CA GLY B 404 -0.19 29.28 -22.44
C GLY B 404 0.27 27.92 -21.94
N ARG B 405 1.41 27.90 -21.26
CA ARG B 405 1.93 26.65 -20.72
C ARG B 405 2.57 26.96 -19.37
N VAL B 406 2.07 26.33 -18.32
CA VAL B 406 2.62 26.59 -17.00
C VAL B 406 2.96 25.30 -16.28
N ASN B 407 3.98 25.36 -15.41
CA ASN B 407 4.36 24.20 -14.65
C ASN B 407 3.68 24.27 -13.29
N GLY B 408 2.52 23.63 -13.19
CA GLY B 408 1.84 23.61 -11.91
C GLY B 408 2.49 22.49 -11.11
N LEU B 409 2.03 22.26 -9.88
CA LEU B 409 2.60 21.22 -9.04
C LEU B 409 1.50 20.47 -8.31
N ALA B 410 1.51 19.15 -8.42
CA ALA B 410 0.49 18.34 -7.79
C ALA B 410 1.11 17.42 -6.73
N VAL B 411 0.33 17.15 -5.68
CA VAL B 411 0.78 16.28 -4.62
C VAL B 411 -0.08 15.02 -4.69
N ILE B 412 0.57 13.89 -4.92
CA ILE B 412 -0.13 12.61 -5.02
C ILE B 412 -0.10 11.94 -3.65
N GLY B 413 -1.28 11.73 -3.07
CA GLY B 413 -1.32 11.11 -1.77
C GLY B 413 -1.02 12.12 -0.67
N GLU B 414 0.00 11.86 0.13
CA GLU B 414 0.32 12.77 1.22
C GLU B 414 1.70 13.39 1.15
N GLN B 415 2.65 12.68 0.56
CA GLN B 415 4.00 13.21 0.48
C GLN B 415 4.77 12.91 -0.78
N SER B 416 4.13 13.11 -1.93
CA SER B 416 4.80 12.87 -3.21
C SER B 416 4.30 13.81 -4.29
N GLY B 417 5.21 14.63 -4.81
CA GLY B 417 4.82 15.59 -5.83
C GLY B 417 5.25 15.25 -7.24
N ILE B 418 4.66 15.95 -8.18
CA ILE B 418 4.98 15.77 -9.57
C ILE B 418 4.63 17.07 -10.28
N VAL B 419 5.40 17.44 -11.29
CA VAL B 419 5.12 18.65 -12.04
C VAL B 419 3.83 18.41 -12.82
N LEU B 420 2.94 19.40 -12.82
CA LEU B 420 1.64 19.32 -13.50
C LEU B 420 1.54 20.36 -14.62
N PRO B 421 1.95 20.00 -15.84
CA PRO B 421 1.88 20.92 -16.97
C PRO B 421 0.43 21.24 -17.30
N ILE B 422 0.11 22.51 -17.40
CA ILE B 422 -1.24 22.95 -17.73
C ILE B 422 -1.14 23.89 -18.94
N GLU B 423 -1.99 23.69 -19.93
CA GLU B 423 -1.96 24.54 -21.10
C GLU B 423 -3.29 25.24 -21.33
N ALA B 424 -3.23 26.41 -21.94
CA ALA B 424 -4.42 27.14 -22.26
C ALA B 424 -4.25 27.80 -23.63
N VAL B 425 -5.30 27.78 -24.44
CA VAL B 425 -5.27 28.45 -25.72
C VAL B 425 -6.63 29.15 -25.83
N VAL B 426 -6.63 30.25 -26.57
CA VAL B 426 -7.81 31.04 -26.76
C VAL B 426 -8.35 30.77 -28.18
N ALA B 427 -9.65 30.53 -28.28
CA ALA B 427 -10.26 30.27 -29.56
C ALA B 427 -11.52 31.09 -29.72
N PRO B 428 -12.04 31.21 -30.94
CA PRO B 428 -13.26 31.96 -31.21
C PRO B 428 -14.39 31.20 -30.52
N ALA B 429 -15.34 31.89 -29.91
CA ALA B 429 -16.44 31.19 -29.24
C ALA B 429 -17.26 30.36 -30.21
N ALA B 430 -17.66 29.16 -29.80
CA ALA B 430 -18.45 28.29 -30.65
C ALA B 430 -19.89 28.81 -30.72
N SER B 431 -20.27 29.55 -29.69
CA SER B 431 -21.60 30.12 -29.60
C SER B 431 -21.51 31.63 -29.66
N LYS B 432 -22.27 32.24 -30.55
CA LYS B 432 -22.24 33.68 -30.70
C LYS B 432 -22.97 34.40 -29.56
N GLU B 433 -23.57 33.63 -28.65
CA GLU B 433 -24.31 34.19 -27.52
C GLU B 433 -23.49 34.25 -26.22
N GLU B 434 -22.55 33.33 -26.08
CA GLU B 434 -21.76 33.28 -24.86
C GLU B 434 -20.37 32.71 -25.08
N GLY B 435 -19.41 33.22 -24.33
CA GLY B 435 -18.05 32.72 -24.43
C GLY B 435 -17.92 31.76 -23.26
N LYS B 436 -17.10 30.73 -23.41
CA LYS B 436 -16.94 29.76 -22.34
C LYS B 436 -15.49 29.46 -22.00
N ILE B 437 -15.30 28.86 -20.83
CA ILE B 437 -13.98 28.43 -20.40
C ILE B 437 -14.17 26.92 -20.31
N ILE B 438 -13.49 26.19 -21.17
CA ILE B 438 -13.61 24.75 -21.22
C ILE B 438 -12.33 24.14 -20.68
N VAL B 439 -12.43 23.45 -19.55
CA VAL B 439 -11.27 22.84 -18.92
C VAL B 439 -11.34 21.33 -18.93
N THR B 440 -10.26 20.68 -19.35
CA THR B 440 -10.23 19.22 -19.40
C THR B 440 -9.14 18.67 -18.48
N GLY B 441 -9.29 17.41 -18.10
CA GLY B 441 -8.33 16.78 -17.22
C GLY B 441 -8.96 15.93 -16.12
N LYS B 442 -10.26 15.63 -16.26
CA LYS B 442 -10.99 14.84 -15.26
C LYS B 442 -10.95 15.49 -13.89
N LEU B 443 -11.38 16.74 -13.82
CA LEU B 443 -11.38 17.49 -12.57
C LEU B 443 -12.49 17.05 -11.62
N GLY B 444 -12.17 17.00 -10.33
CA GLY B 444 -13.16 16.67 -9.33
C GLY B 444 -13.97 17.93 -9.04
N GLU B 445 -14.93 17.84 -8.13
CA GLU B 445 -15.80 18.96 -7.78
C GLU B 445 -15.10 20.22 -7.28
N ILE B 446 -14.11 20.08 -6.41
CA ILE B 446 -13.39 21.24 -5.89
C ILE B 446 -12.54 21.90 -6.98
N ALA B 447 -11.93 21.10 -7.84
CA ALA B 447 -11.11 21.66 -8.93
C ALA B 447 -11.97 22.42 -9.92
N LYS B 448 -13.20 21.93 -10.16
CA LYS B 448 -14.10 22.60 -11.09
C LYS B 448 -14.56 23.93 -10.52
N GLU B 449 -14.85 23.99 -9.23
CA GLU B 449 -15.25 25.25 -8.61
C GLU B 449 -14.05 26.19 -8.59
N ALA B 450 -12.86 25.66 -8.38
CA ALA B 450 -11.63 26.49 -8.38
C ALA B 450 -11.54 27.24 -9.72
N VAL B 451 -11.84 26.51 -10.80
CA VAL B 451 -11.81 27.09 -12.12
C VAL B 451 -12.85 28.20 -12.21
N GLN B 452 -14.03 27.99 -11.62
CA GLN B 452 -15.03 29.05 -11.65
C GLN B 452 -14.54 30.28 -10.90
N ASN B 453 -13.88 30.08 -9.76
CA ASN B 453 -13.36 31.23 -9.03
C ASN B 453 -12.34 31.98 -9.89
N VAL B 454 -11.52 31.24 -10.64
CA VAL B 454 -10.52 31.89 -11.48
C VAL B 454 -11.18 32.69 -12.60
N SER B 455 -12.25 32.14 -13.18
CA SER B 455 -12.92 32.83 -14.27
C SER B 455 -13.47 34.19 -13.82
N ALA B 456 -13.77 34.32 -12.53
CA ALA B 456 -14.28 35.60 -12.02
C ALA B 456 -13.22 36.68 -12.24
N ILE B 457 -11.97 36.37 -11.88
CA ILE B 457 -10.87 37.29 -12.02
C ILE B 457 -10.58 37.62 -13.49
N ILE B 458 -10.61 36.59 -14.34
CA ILE B 458 -10.36 36.78 -15.76
C ILE B 458 -11.41 37.68 -16.40
N LYS B 459 -12.69 37.39 -16.12
CA LYS B 459 -13.78 38.17 -16.66
C LYS B 459 -13.72 39.62 -16.21
N ARG B 460 -13.40 39.85 -14.94
CA ARG B 460 -13.29 41.20 -14.42
C ARG B 460 -12.23 42.08 -15.11
N TYR B 461 -11.01 41.55 -15.27
CA TYR B 461 -9.96 42.34 -15.89
C TYR B 461 -10.09 42.38 -17.40
N LYS B 462 -10.69 41.35 -17.99
CA LYS B 462 -10.80 41.32 -19.44
C LYS B 462 -11.99 42.09 -20.04
N GLY B 463 -13.03 42.31 -19.25
CA GLY B 463 -14.17 43.04 -19.78
C GLY B 463 -15.09 42.24 -20.68
N GLU B 464 -16.04 42.93 -21.31
CA GLU B 464 -17.03 42.30 -22.20
C GLU B 464 -16.51 41.45 -23.35
N ASP B 465 -15.32 41.74 -23.85
CA ASP B 465 -14.77 40.96 -24.95
C ASP B 465 -14.71 39.47 -24.61
N ILE B 466 -14.59 39.17 -23.32
CA ILE B 466 -14.50 37.79 -22.86
C ILE B 466 -15.57 36.86 -23.42
N SER B 467 -16.76 37.39 -23.69
CA SER B 467 -17.85 36.55 -24.21
C SER B 467 -17.65 36.15 -25.67
N ARG B 468 -16.65 36.75 -26.29
CA ARG B 468 -16.34 36.52 -27.69
C ARG B 468 -15.37 35.34 -27.87
N TYR B 469 -14.89 34.76 -26.77
CA TYR B 469 -13.95 33.64 -26.86
C TYR B 469 -14.34 32.45 -26.03
N ASP B 470 -13.74 31.36 -26.46
CA ASP B 470 -13.83 30.07 -25.82
C ASP B 470 -12.37 29.85 -25.41
N ILE B 471 -12.15 29.71 -24.11
CA ILE B 471 -10.81 29.49 -23.60
C ILE B 471 -10.72 28.01 -23.22
N HIS B 472 -9.80 27.29 -23.86
CA HIS B 472 -9.60 25.89 -23.59
C HIS B 472 -8.39 25.70 -22.68
N VAL B 473 -8.61 25.04 -21.56
CA VAL B 473 -7.55 24.77 -20.61
C VAL B 473 -7.43 23.27 -20.50
N GLN B 474 -6.20 22.76 -20.57
CA GLN B 474 -5.98 21.33 -20.50
C GLN B 474 -4.92 20.94 -19.48
N PHE B 475 -5.29 20.09 -18.52
CA PHE B 475 -4.33 19.57 -17.54
C PHE B 475 -3.79 18.37 -18.32
N LEU B 476 -2.53 18.43 -18.77
CA LEU B 476 -1.99 17.34 -19.59
C LEU B 476 -1.81 15.98 -18.93
N GLN B 477 -2.33 14.97 -19.60
CA GLN B 477 -2.16 13.60 -19.17
C GLN B 477 -2.59 13.25 -17.75
N THR B 478 -3.57 13.95 -17.20
CA THR B 478 -4.02 13.63 -15.83
C THR B 478 -5.09 12.54 -15.91
N TYR B 479 -4.71 11.36 -16.38
CA TYR B 479 -5.64 10.24 -16.54
C TYR B 479 -6.28 9.71 -15.25
N GLU B 480 -5.68 10.01 -14.10
CA GLU B 480 -6.29 9.57 -12.84
C GLU B 480 -7.05 10.74 -12.23
N GLY B 481 -7.20 11.81 -13.00
CA GLY B 481 -7.92 12.97 -12.52
C GLY B 481 -7.11 14.07 -11.83
N VAL B 482 -7.78 15.19 -11.58
CA VAL B 482 -7.22 16.34 -10.90
C VAL B 482 -8.11 16.59 -9.70
N GLU B 483 -7.51 16.76 -8.52
CA GLU B 483 -8.33 17.01 -7.35
C GLU B 483 -7.82 18.20 -6.54
N GLY B 484 -8.73 18.89 -5.87
CA GLY B 484 -8.32 20.03 -5.07
C GLY B 484 -8.26 21.32 -5.86
N ASP B 485 -7.86 22.39 -5.20
CA ASP B 485 -7.79 23.73 -5.80
C ASP B 485 -6.37 24.31 -5.81
N ALA B 486 -5.37 23.46 -5.60
CA ALA B 486 -3.97 23.90 -5.58
C ALA B 486 -3.46 24.37 -6.93
N ALA B 487 -4.18 24.06 -8.00
CA ALA B 487 -3.76 24.51 -9.33
C ALA B 487 -4.42 25.82 -9.72
N SER B 488 -5.15 26.44 -8.80
CA SER B 488 -5.83 27.70 -9.08
C SER B 488 -4.95 28.81 -9.69
N ILE B 489 -3.79 29.09 -9.08
CA ILE B 489 -2.97 30.16 -9.64
C ILE B 489 -2.35 29.75 -10.97
N SER B 490 -2.15 28.45 -11.14
CA SER B 490 -1.59 27.91 -12.38
C SER B 490 -2.56 28.11 -13.54
N VAL B 491 -3.83 27.84 -13.29
CA VAL B 491 -4.83 28.00 -14.32
C VAL B 491 -4.97 29.47 -14.66
N ALA B 492 -4.94 30.33 -13.63
CA ALA B 492 -5.05 31.77 -13.85
C ALA B 492 -3.88 32.27 -14.70
N THR B 493 -2.67 31.82 -14.39
CA THR B 493 -1.50 32.25 -15.14
C THR B 493 -1.57 31.77 -16.60
N ALA B 494 -1.92 30.50 -16.80
CA ALA B 494 -2.02 29.95 -18.15
C ALA B 494 -3.06 30.67 -18.99
N VAL B 495 -4.19 31.00 -18.39
CA VAL B 495 -5.26 31.68 -19.11
C VAL B 495 -4.92 33.12 -19.44
N ILE B 496 -4.32 33.82 -18.49
CA ILE B 496 -3.94 35.21 -18.71
C ILE B 496 -2.85 35.25 -19.78
N SER B 497 -1.89 34.36 -19.69
CA SER B 497 -0.82 34.29 -20.68
C SER B 497 -1.40 34.11 -22.09
N ALA B 498 -2.36 33.20 -22.23
CA ALA B 498 -2.97 32.93 -23.53
C ALA B 498 -3.81 34.09 -24.05
N LEU B 499 -4.55 34.72 -23.16
CA LEU B 499 -5.38 35.85 -23.56
C LEU B 499 -4.53 37.05 -24.01
N GLU B 500 -3.41 37.26 -23.32
CA GLU B 500 -2.53 38.39 -23.61
C GLU B 500 -1.33 38.12 -24.51
N GLY B 501 -1.07 36.85 -24.81
CA GLY B 501 0.08 36.52 -25.63
C GLY B 501 1.37 36.83 -24.89
N ILE B 502 1.37 36.58 -23.58
CA ILE B 502 2.54 36.84 -22.73
C ILE B 502 3.17 35.53 -22.26
N PRO B 503 4.34 35.16 -22.82
CA PRO B 503 5.00 33.91 -22.41
C PRO B 503 5.24 33.77 -20.90
N ILE B 504 5.16 32.53 -20.45
CA ILE B 504 5.35 32.16 -19.05
C ILE B 504 6.72 31.51 -18.90
N ARG B 505 7.46 31.89 -17.87
CA ARG B 505 8.78 31.31 -17.65
C ARG B 505 8.62 29.83 -17.30
N GLN B 506 9.39 28.97 -17.96
CA GLN B 506 9.32 27.55 -17.71
C GLN B 506 10.25 27.12 -16.58
N ASP B 507 11.10 28.04 -16.11
CA ASP B 507 12.02 27.73 -15.01
C ASP B 507 11.34 28.11 -13.69
N VAL B 508 10.02 28.29 -13.76
CA VAL B 508 9.19 28.63 -12.60
C VAL B 508 8.11 27.54 -12.47
N ALA B 509 7.82 27.12 -11.24
CA ALA B 509 6.75 26.16 -11.01
C ALA B 509 5.91 26.84 -9.94
N MET B 510 4.64 26.46 -9.83
CA MET B 510 3.79 27.11 -8.84
C MET B 510 2.64 26.28 -8.31
N THR B 511 2.24 26.60 -7.09
CA THR B 511 1.10 25.94 -6.48
C THR B 511 0.41 26.91 -5.52
N GLY B 512 -0.91 26.94 -5.53
CA GLY B 512 -1.61 27.84 -4.63
C GLY B 512 -3.07 27.95 -4.97
N SER B 513 -3.91 28.09 -3.96
CA SER B 513 -5.32 28.23 -4.19
C SER B 513 -5.59 29.72 -4.40
N LEU B 514 -6.84 30.06 -4.73
CA LEU B 514 -7.14 31.45 -5.02
C LEU B 514 -8.57 31.85 -4.67
N SER B 515 -8.75 33.10 -4.25
CA SER B 515 -10.07 33.65 -3.92
C SER B 515 -10.51 34.52 -5.10
N VAL B 516 -11.80 34.78 -5.23
CA VAL B 516 -12.29 35.57 -6.36
C VAL B 516 -11.78 37.01 -6.32
N ARG B 517 -11.32 37.45 -5.14
CA ARG B 517 -10.78 38.79 -5.01
C ARG B 517 -9.28 38.82 -5.27
N GLY B 518 -8.71 37.67 -5.65
CA GLY B 518 -7.29 37.61 -5.98
C GLY B 518 -6.31 37.17 -4.90
N GLU B 519 -6.82 36.79 -3.74
CA GLU B 519 -5.97 36.35 -2.64
C GLU B 519 -5.50 34.90 -2.81
N VAL B 520 -4.20 34.67 -2.62
CA VAL B 520 -3.66 33.33 -2.75
C VAL B 520 -3.92 32.58 -1.43
N LEU B 521 -4.60 31.44 -1.54
CA LEU B 521 -4.96 30.63 -0.38
C LEU B 521 -4.00 29.46 -0.19
N PRO B 522 -3.83 29.00 1.06
CA PRO B 522 -2.92 27.88 1.35
C PRO B 522 -3.23 26.55 0.69
N ILE B 523 -2.18 25.74 0.54
CA ILE B 523 -2.31 24.41 -0.06
C ILE B 523 -1.64 23.37 0.83
N GLY B 524 -2.01 22.11 0.63
CA GLY B 524 -1.40 21.03 1.40
C GLY B 524 -0.20 20.42 0.70
N GLY B 525 0.77 19.93 1.48
CA GLY B 525 1.94 19.30 0.89
C GLY B 525 2.90 20.28 0.21
N ALA B 526 3.10 21.45 0.81
CA ALA B 526 4.02 22.43 0.25
C ALA B 526 5.43 21.86 0.05
N THR B 527 5.90 21.04 0.99
CA THR B 527 7.25 20.47 0.87
C THR B 527 7.36 19.45 -0.28
N PRO B 528 6.45 18.46 -0.34
CA PRO B 528 6.51 17.49 -1.43
C PRO B 528 6.37 18.18 -2.80
N ALA B 529 5.63 19.29 -2.84
CA ALA B 529 5.44 20.02 -4.09
C ALA B 529 6.76 20.64 -4.52
N ILE B 530 7.41 21.31 -3.58
CA ILE B 530 8.69 21.95 -3.85
C ILE B 530 9.73 20.91 -4.23
N GLU B 531 9.69 19.75 -3.57
CA GLU B 531 10.63 18.70 -3.89
C GLU B 531 10.51 18.22 -5.33
N ALA B 532 9.29 18.19 -5.86
CA ALA B 532 9.07 17.76 -7.25
C ALA B 532 9.74 18.78 -8.20
N ALA B 533 9.62 20.06 -7.86
CA ALA B 533 10.22 21.11 -8.66
C ALA B 533 11.73 20.92 -8.69
N ILE B 534 12.32 20.69 -7.52
CA ILE B 534 13.76 20.49 -7.43
C ILE B 534 14.16 19.28 -8.27
N GLU B 535 13.44 18.17 -8.11
CA GLU B 535 13.75 16.97 -8.88
C GLU B 535 13.62 17.20 -10.39
N ALA B 536 12.75 18.12 -10.80
CA ALA B 536 12.56 18.40 -12.22
C ALA B 536 13.58 19.42 -12.73
N GLY B 537 14.37 20.01 -11.83
CA GLY B 537 15.35 20.98 -12.25
C GLY B 537 14.79 22.38 -12.43
N ILE B 538 13.66 22.65 -11.78
CA ILE B 538 13.03 23.97 -11.87
C ILE B 538 13.70 24.85 -10.81
N LYS B 539 14.18 26.01 -11.23
CA LYS B 539 14.90 26.91 -10.34
C LYS B 539 14.10 27.74 -9.36
N MET B 540 12.88 28.11 -9.75
CA MET B 540 12.04 28.94 -8.91
C MET B 540 10.66 28.33 -8.68
N VAL B 541 10.15 28.47 -7.46
CA VAL B 541 8.83 27.94 -7.15
C VAL B 541 8.04 29.00 -6.41
N ILE B 542 6.77 29.16 -6.78
CA ILE B 542 5.88 30.12 -6.15
C ILE B 542 4.96 29.31 -5.22
N ILE B 543 4.78 29.75 -3.97
CA ILE B 543 3.89 29.08 -3.04
C ILE B 543 3.18 30.16 -2.25
N PRO B 544 2.07 29.83 -1.59
CA PRO B 544 1.40 30.88 -0.81
C PRO B 544 2.18 31.21 0.45
N LYS B 545 2.15 32.49 0.85
CA LYS B 545 2.89 32.91 2.03
C LYS B 545 2.44 32.14 3.28
N SER B 546 1.14 31.87 3.38
CA SER B 546 0.63 31.14 4.53
C SER B 546 1.21 29.72 4.67
N ASN B 547 1.91 29.23 3.64
CA ASN B 547 2.52 27.90 3.68
C ASN B 547 4.04 28.01 3.88
N GLU B 548 4.51 29.23 4.04
CA GLU B 548 5.92 29.48 4.25
C GLU B 548 6.52 28.59 5.36
N LYS B 549 5.74 28.38 6.43
CA LYS B 549 6.18 27.55 7.56
C LYS B 549 5.97 26.04 7.34
N ASP B 550 5.46 25.66 6.17
CA ASP B 550 5.23 24.25 5.87
C ASP B 550 6.34 23.71 5.00
N VAL B 551 7.35 24.54 4.77
CA VAL B 551 8.48 24.16 3.96
C VAL B 551 9.60 23.58 4.82
N PHE B 552 9.91 22.31 4.59
CA PHE B 552 10.93 21.60 5.35
C PHE B 552 11.98 21.03 4.40
N LEU B 553 13.06 21.78 4.21
CA LEU B 553 14.12 21.34 3.32
C LEU B 553 15.47 21.27 4.01
N SER B 554 16.29 20.31 3.60
CA SER B 554 17.63 20.19 4.15
C SER B 554 18.39 21.33 3.47
N LYS B 555 19.55 21.70 4.00
CA LYS B 555 20.31 22.78 3.38
C LYS B 555 20.70 22.46 1.95
N ASP B 556 21.01 21.20 1.67
CA ASP B 556 21.41 20.79 0.33
C ASP B 556 20.36 21.20 -0.71
N LYS B 557 19.12 20.75 -0.50
CA LYS B 557 18.02 21.04 -1.41
C LYS B 557 17.61 22.50 -1.45
N ALA B 558 17.58 23.14 -0.29
CA ALA B 558 17.20 24.55 -0.22
C ALA B 558 18.06 25.44 -1.12
N GLU B 559 19.34 25.11 -1.24
CA GLU B 559 20.22 25.92 -2.06
C GLU B 559 20.05 25.64 -3.55
N LYS B 560 19.22 24.67 -3.89
CA LYS B 560 18.97 24.34 -5.29
C LYS B 560 17.72 25.05 -5.82
N ILE B 561 16.95 25.69 -4.95
CA ILE B 561 15.74 26.34 -5.42
C ILE B 561 15.45 27.68 -4.75
N GLN B 562 14.80 28.58 -5.47
CA GLN B 562 14.42 29.88 -4.94
C GLN B 562 12.93 29.81 -4.67
N ILE B 563 12.52 30.06 -3.43
CA ILE B 563 11.11 30.00 -3.07
C ILE B 563 10.54 31.41 -2.97
N PHE B 564 9.43 31.64 -3.66
CA PHE B 564 8.78 32.94 -3.65
C PHE B 564 7.39 32.86 -3.01
N PRO B 565 7.26 33.21 -1.72
CA PRO B 565 5.93 33.14 -1.08
C PRO B 565 5.09 34.33 -1.53
N VAL B 566 3.83 34.08 -1.91
CA VAL B 566 2.97 35.16 -2.38
C VAL B 566 1.64 35.26 -1.67
N GLU B 567 1.06 36.44 -1.74
CA GLU B 567 -0.23 36.73 -1.11
C GLU B 567 -1.35 37.02 -2.09
N THR B 568 -1.01 37.58 -3.25
CA THR B 568 -2.01 37.94 -4.24
C THR B 568 -1.63 37.49 -5.65
N ILE B 569 -2.63 37.41 -6.52
CA ILE B 569 -2.41 36.94 -7.87
C ILE B 569 -1.46 37.83 -8.71
N ASP B 570 -1.46 39.15 -8.48
CA ASP B 570 -0.55 39.99 -9.27
C ASP B 570 0.92 39.65 -8.97
N GLU B 571 1.22 39.23 -7.75
CA GLU B 571 2.60 38.86 -7.41
C GLU B 571 3.00 37.59 -8.18
N VAL B 572 2.06 36.66 -8.31
CA VAL B 572 2.31 35.42 -9.04
C VAL B 572 2.67 35.79 -10.47
N LEU B 573 1.88 36.67 -11.07
CA LEU B 573 2.12 37.08 -12.46
C LEU B 573 3.42 37.84 -12.65
N GLU B 574 3.77 38.70 -11.71
CA GLU B 574 5.01 39.45 -11.93
C GLU B 574 6.23 38.55 -11.87
N ILE B 575 6.11 37.42 -11.16
CA ILE B 575 7.21 36.47 -11.07
C ILE B 575 7.25 35.53 -12.31
N ALA B 576 6.08 34.97 -12.65
CA ALA B 576 5.99 33.99 -13.74
C ALA B 576 5.96 34.48 -15.19
N LEU B 577 5.48 35.69 -15.41
CA LEU B 577 5.40 36.21 -16.77
C LEU B 577 6.71 36.89 -17.20
N GLU B 578 7.06 36.71 -18.47
CA GLU B 578 8.27 37.31 -19.04
C GLU B 578 8.09 38.83 -19.08
N GLU B 579 9.15 39.57 -18.75
CA GLU B 579 9.07 41.04 -18.79
C GLU B 579 8.81 41.59 -20.19
N SER B 580 7.98 42.62 -20.25
CA SER B 580 7.61 43.27 -21.51
C SER B 580 6.65 44.40 -21.17
N GLU B 581 6.40 45.30 -22.11
CA GLU B 581 5.47 46.38 -21.82
C GLU B 581 4.08 45.75 -21.73
N LYS B 582 3.93 44.71 -22.53
CA LYS B 582 2.71 43.92 -22.61
C LYS B 582 2.38 43.44 -21.18
N LYS B 583 3.38 42.93 -20.48
CA LYS B 583 3.21 42.44 -19.12
C LYS B 583 2.95 43.59 -18.16
N ARG B 584 3.65 44.71 -18.37
CA ARG B 584 3.46 45.85 -17.50
C ARG B 584 2.03 46.37 -17.61
N GLU B 585 1.50 46.38 -18.83
CA GLU B 585 0.14 46.84 -19.03
C GLU B 585 -0.85 45.86 -18.39
N LEU B 586 -0.58 44.56 -18.55
CA LEU B 586 -1.45 43.54 -17.98
C LEU B 586 -1.52 43.71 -16.47
N LEU B 587 -0.37 43.89 -15.82
CA LEU B 587 -0.36 44.05 -14.36
C LEU B 587 -1.11 45.29 -13.92
N ARG B 588 -1.00 46.36 -14.70
CA ARG B 588 -1.67 47.60 -14.39
C ARG B 588 -3.17 47.36 -14.50
N ARG B 589 -3.57 46.65 -15.55
CA ARG B 589 -4.99 46.35 -15.76
C ARG B 589 -5.49 45.48 -14.60
N ILE B 590 -4.74 44.44 -14.27
CA ILE B 590 -5.11 43.53 -13.20
C ILE B 590 -5.25 44.23 -11.84
N ARG B 591 -4.19 44.90 -11.41
CA ARG B 591 -4.19 45.57 -10.12
C ARG B 591 -5.35 46.57 -9.98
N GLU B 592 -5.92 46.93 -11.10
CA GLU B 592 -7.03 47.86 -11.11
C GLU B 592 -8.34 47.18 -10.72
N THR B 593 -8.37 45.85 -10.74
CA THR B 593 -9.58 45.12 -10.39
C THR B 593 -9.44 44.38 -9.07
N LEU B 594 -8.30 44.58 -8.40
CA LEU B 594 -8.05 43.93 -7.14
C LEU B 594 -8.15 44.93 -5.99
N PRO B 595 -8.41 44.45 -4.77
CA PRO B 595 -8.50 45.39 -3.65
C PRO B 595 -7.16 46.09 -3.47
N LEU B 596 -7.17 47.32 -2.95
CA LEU B 596 -5.92 48.05 -2.72
C LEU B 596 -5.22 47.60 -1.46
N SER B 597 -6.00 47.37 -0.41
CA SER B 597 -5.47 46.96 0.90
C SER B 597 -4.04 46.43 0.83
PB ADP C . 3.85 -14.47 -6.38
O1B ADP C . 4.12 -13.01 -6.34
O2B ADP C . 4.01 -15.14 -5.08
O3B ADP C . 2.59 -14.81 -7.06
PA ADP C . 5.82 -16.49 -7.28
O1A ADP C . 6.81 -16.33 -6.22
O2A ADP C . 4.91 -17.60 -7.13
O3A ADP C . 4.90 -15.15 -7.36
O5' ADP C . 6.56 -16.63 -8.68
C5' ADP C . 6.46 -17.65 -9.69
C4' ADP C . 7.74 -18.06 -10.29
O4' ADP C . 8.11 -16.87 -10.99
C3' ADP C . 8.94 -18.19 -9.34
O3' ADP C . 8.84 -19.36 -8.55
C2' ADP C . 10.11 -18.03 -10.33
O2' ADP C . 10.15 -19.11 -11.17
C1' ADP C . 9.62 -16.81 -11.10
N9 ADP C . 9.57 -15.33 -10.67
C8 ADP C . 8.71 -14.34 -10.33
N7 ADP C . 9.31 -13.20 -10.05
C5 ADP C . 10.67 -13.45 -10.21
C6 ADP C . 11.89 -12.65 -10.05
N6 ADP C . 11.89 -11.33 -9.72
N1 ADP C . 13.11 -13.26 -10.30
C2 ADP C . 13.12 -14.56 -10.65
N3 ADP C . 12.05 -15.39 -10.82
C4 ADP C . 10.84 -14.77 -10.58
O1 PE8 D . -16.01 -0.71 -28.96
C2 PE8 D . -14.97 -1.70 -28.83
C3 PE8 D . -13.80 -1.39 -29.79
O4 PE8 D . -14.29 -1.29 -31.14
C5 PE8 D . -13.16 -1.02 -31.97
C6 PE8 D . -13.61 -0.90 -33.43
O7 PE8 D . -14.08 -2.16 -33.91
C8 PE8 D . -14.46 -1.99 -35.26
C9 PE8 D . -14.97 -3.33 -35.84
O10 PE8 D . -16.36 -3.49 -35.50
C11 PE8 D . -16.83 -4.72 -36.05
C12 PE8 D . -18.30 -4.90 -35.71
O13 PE8 D . -18.43 -5.72 -34.54
O1 PE4 E . -22.60 -9.83 -36.39
C1 PE4 E . -22.69 -8.58 -37.10
C2 PE4 E . -21.98 -7.49 -36.31
O2 PE4 E . -22.91 -6.46 -35.98
C3 PE4 E . -22.94 -6.24 -34.56
C4 PE4 E . -23.94 -5.13 -34.21
O3 PE4 E . -23.94 -4.93 -32.79
PB ADP F . -1.63 0.98 21.30
O1B ADP F . -2.42 2.19 20.95
O2B ADP F . -2.04 0.32 22.55
O3B ADP F . -1.47 0.04 20.19
PA ADP F . 1.10 0.89 22.40
O1A ADP F . 0.96 1.41 23.78
O2A ADP F . 1.16 -0.56 22.26
O3A ADP F . -0.13 1.42 21.51
O5' ADP F . 2.40 1.51 21.67
C5' ADP F . 3.48 0.86 20.98
C4' ADP F . 4.81 1.37 21.34
O4' ADP F . 4.76 2.67 20.71
C3' ADP F . 4.95 1.78 22.83
O3' ADP F . 5.09 0.64 23.67
C2' ADP F . 6.05 2.83 22.73
O2' ADP F . 7.24 2.23 22.40
C1' ADP F . 5.50 3.65 21.56
N9 ADP F . 4.27 4.59 21.46
C8 ADP F . 3.03 4.71 20.88
N7 ADP F . 2.37 5.79 21.25
C5 ADP F . 3.21 6.44 22.15
C6 ADP F . 3.11 7.67 22.93
N6 ADP F . 2.05 8.51 22.90
N1 ADP F . 4.18 7.99 23.73
C2 ADP F . 5.24 7.17 23.76
N3 ADP F . 5.43 6.01 23.08
C4 ADP F . 4.38 5.70 22.27
#